data_1SHY
#
_entry.id   1SHY
#
_cell.length_a   137.052
_cell.length_b   186.352
_cell.length_c   66.659
_cell.angle_alpha   90.00
_cell.angle_beta   90.00
_cell.angle_gamma   90.00
#
_symmetry.space_group_name_H-M   'P 21 21 2'
#
loop_
_entity.id
_entity.type
_entity.pdbx_description
1 polymer 'Hepatocyte growth factor'
2 polymer 'Hepatocyte growth factor receptor'
#
loop_
_entity_poly.entity_id
_entity_poly.type
_entity_poly.pdbx_seq_one_letter_code
_entity_poly.pdbx_strand_id
1 'polypeptide(L)'
;VVNGIPTRTNIGWMVSLRYRNKHICGGSLIKESWVLTARQCFPSRDLKDYEAWLGIHDVHGRGDEKCKQVLNVSQLVYGP
EGSDLVLMKLARPAVLDDFVSTIDLPNYGSTIPEKTSCSVYGWGYTGLINYDGLLRVAHLYIMGNEKCSQHHRGKVTLNE
SEICAGAEKIGSGPCEGDYGGPLVCEQHKMRMVLGVIVPGRGCAIPNRPGIFVRVAYYAKWIHKIILTYKVPQS
;
A
2 'polypeptide(L)'
;ECKEALAKSEMNVNMKYQLPNFTAETPIQNVILHEHHIFLGATNYIYVLNEEDLQKVAEYKTGPVLEHPDCFPCQDCSSK
ANLSGGVWKDNINMALVVDTYYDDQLISCGSVNRGTCQRHVFPHNHTADIQSEVHCIFSPQIEEPSQCPDCVVSALGAKV
LSSVKDRFINFFVGNTINSSYFPDHPLHSISVRRLKETKDGFMFLTDQSYIDVLPEFRDSYPIKYVHAFESNNFIYFLTV
QRETLDAQTFHTRIIRFCSINSGLHSYMEMPLECILTELVPRGSTKKEVFNILQAAYVSKPGAQLARQIGASLNDDILFG
VFAQSKPDSAEPMDRSAMCAFPIKYVNDFFNKIVNKNNVRCLQHFYGPNHEHCFNRTLLRNSSGCEARRDEYRTEFTTAL
QRVDLFMGQFSEVLLTSISTFIKGDLTIANLGTSEGRFMQVVVSRSGPSTPHVNFLLDSHPVSPEVIVEHTLNQNGYTLV
ITGKKITKIPLNGLGCRHFQSCSQCLSAPPFVQCGWCHDKCVRSEECLSGTWTQQICLPAIYKHHHHHHHH
;
B
#
# COMPACT_ATOMS: atom_id res chain seq x y z
N VAL A 1 -8.43 22.16 13.91
CA VAL A 1 -7.06 22.27 14.51
C VAL A 1 -7.07 21.71 15.91
N VAL A 2 -6.11 20.84 16.19
CA VAL A 2 -6.10 20.22 17.51
C VAL A 2 -5.34 21.08 18.52
N ASN A 3 -5.96 21.22 19.68
CA ASN A 3 -5.47 22.09 20.74
C ASN A 3 -5.23 23.58 20.41
N GLY A 4 -6.20 24.20 19.74
CA GLY A 4 -6.20 25.65 19.55
C GLY A 4 -7.48 26.27 20.06
N ILE A 5 -7.59 27.58 19.98
CA ILE A 5 -8.80 28.27 20.46
C ILE A 5 -9.62 28.93 19.36
N PRO A 6 -10.87 29.25 19.68
CA PRO A 6 -11.72 30.02 18.77
C PRO A 6 -11.08 31.36 18.44
N THR A 7 -11.17 31.80 17.19
CA THR A 7 -10.67 33.12 16.83
C THR A 7 -11.68 34.15 17.29
N ARG A 8 -11.18 35.26 17.83
CA ARG A 8 -12.04 36.33 18.33
C ARG A 8 -13.15 36.69 17.34
N THR A 9 -12.78 36.88 16.09
CA THR A 9 -13.72 37.32 15.07
C THR A 9 -13.29 36.60 13.81
N ASN A 10 -13.87 36.91 12.65
CA ASN A 10 -13.34 36.22 11.47
C ASN A 10 -12.04 36.80 10.93
N ILE A 11 -11.45 36.13 9.93
CA ILE A 11 -10.11 36.43 9.45
C ILE A 11 -10.09 36.57 7.93
N GLY A 12 -9.50 37.65 7.45
CA GLY A 12 -9.76 38.12 6.09
C GLY A 12 -9.30 37.25 4.94
N TRP A 13 -8.19 36.56 5.14
CA TRP A 13 -7.56 35.78 4.08
C TRP A 13 -8.10 34.37 4.08
N MET A 14 -8.81 34.03 5.16
CA MET A 14 -9.30 32.69 5.33
C MET A 14 -10.39 32.38 4.30
N VAL A 15 -10.21 31.25 3.64
CA VAL A 15 -11.10 30.72 2.63
C VAL A 15 -11.41 29.27 2.98
N SER A 16 -12.69 28.92 2.99
CA SER A 16 -13.09 27.52 3.12
C SER A 16 -13.40 27.02 1.72
N LEU A 17 -12.70 25.96 1.32
CA LEU A 17 -12.93 25.27 0.05
C LEU A 17 -13.97 24.24 0.32
N ARG A 18 -14.97 24.16 -0.56
CA ARG A 18 -16.00 23.16 -0.40
C ARG A 18 -16.21 22.30 -1.61
N TYR A 19 -15.95 21.00 -1.42
CA TYR A 19 -16.22 19.96 -2.40
C TYR A 19 -17.57 19.34 -2.09
N ARG A 20 -18.36 19.09 -3.14
CA ARG A 20 -19.70 18.52 -2.99
C ARG A 20 -20.41 19.01 -1.74
N ASN A 21 -20.46 20.34 -1.55
CA ASN A 21 -21.30 20.99 -0.52
C ASN A 21 -20.83 21.05 0.93
N LYS A 22 -19.98 20.12 1.35
CA LYS A 22 -19.39 20.20 2.69
C LYS A 22 -17.97 20.81 2.60
N HIS A 23 -17.46 21.39 3.70
CA HIS A 23 -16.09 21.96 3.69
C HIS A 23 -15.03 20.89 3.79
N ILE A 24 -13.92 21.12 3.11
CA ILE A 24 -12.90 20.12 2.90
C ILE A 24 -11.46 20.61 3.16
N CYS A 25 -11.25 21.92 3.19
CA CYS A 25 -9.89 22.48 3.09
C CYS A 25 -9.86 23.95 3.29
N GLY A 26 -8.73 24.46 3.77
CA GLY A 26 -8.52 25.89 3.96
C GLY A 26 -7.82 26.52 2.79
N GLY A 27 -7.72 27.83 2.82
CA GLY A 27 -7.11 28.55 1.72
C GLY A 27 -6.83 30.00 2.06
N SER A 28 -5.69 30.49 1.59
CA SER A 28 -5.28 31.85 1.87
C SER A 28 -5.58 32.66 0.62
N LEU A 29 -6.33 33.73 0.79
CA LEU A 29 -6.66 34.62 -0.33
C LEU A 29 -5.45 35.55 -0.52
N ILE A 30 -4.78 35.43 -1.66
CA ILE A 30 -3.53 36.16 -1.84
C ILE A 30 -3.64 37.32 -2.80
N LYS A 31 -4.65 37.28 -3.66
CA LYS A 31 -5.04 38.43 -4.45
C LYS A 31 -6.50 38.27 -4.81
N GLU A 32 -7.13 39.37 -5.22
CA GLU A 32 -8.59 39.46 -5.42
C GLU A 32 -9.25 38.23 -6.10
N SER A 33 -8.48 37.55 -6.95
CA SER A 33 -8.98 36.42 -7.73
C SER A 33 -8.21 35.10 -7.47
N TRP A 34 -7.41 35.05 -6.41
CA TRP A 34 -6.53 33.89 -6.20
C TRP A 34 -6.45 33.38 -4.79
N VAL A 35 -6.83 32.12 -4.62
CA VAL A 35 -6.66 31.49 -3.34
C VAL A 35 -5.52 30.50 -3.44
N LEU A 36 -4.51 30.69 -2.61
CA LEU A 36 -3.41 29.72 -2.53
C LEU A 36 -3.80 28.57 -1.60
N THR A 37 -3.64 27.34 -2.08
CA THR A 37 -4.04 26.17 -1.29
C THR A 37 -3.25 24.87 -1.57
N ALA A 38 -3.60 23.77 -0.91
CA ALA A 38 -2.87 22.51 -1.11
C ALA A 38 -3.52 21.57 -2.12
N ARG A 39 -2.73 20.66 -2.68
CA ARG A 39 -3.19 19.84 -3.79
C ARG A 39 -4.07 18.75 -3.27
N GLN A 40 -3.74 18.24 -2.09
CA GLN A 40 -4.55 17.24 -1.44
C GLN A 40 -5.99 17.73 -1.25
N CYS A 41 -6.36 18.86 -1.83
CA CYS A 41 -7.69 19.41 -1.62
C CYS A 41 -8.69 19.17 -2.73
N PHE A 42 -8.29 18.46 -3.77
CA PHE A 42 -9.15 18.32 -4.95
C PHE A 42 -9.36 16.88 -5.37
N PRO A 43 -10.37 16.22 -4.82
CA PRO A 43 -10.70 14.85 -5.21
C PRO A 43 -11.23 14.75 -6.64
N SER A 44 -12.10 15.67 -7.03
CA SER A 44 -12.65 15.75 -8.37
C SER A 44 -11.69 16.48 -9.27
N ARG A 45 -11.84 16.30 -10.58
CA ARG A 45 -11.21 17.20 -11.53
C ARG A 45 -12.25 18.19 -12.02
N ASP A 46 -13.52 17.80 -11.95
CA ASP A 46 -14.61 18.64 -12.41
C ASP A 46 -14.84 19.79 -11.42
N LEU A 47 -14.55 21.03 -11.84
CA LEU A 47 -14.63 22.19 -10.94
C LEU A 47 -16.05 22.66 -10.65
N LYS A 48 -17.03 21.99 -11.24
CA LYS A 48 -18.44 22.16 -10.90
C LYS A 48 -18.65 21.85 -9.41
N ASP A 49 -18.07 20.73 -8.96
CA ASP A 49 -18.27 20.22 -7.61
C ASP A 49 -17.77 21.12 -6.49
N TYR A 50 -16.92 22.09 -6.82
CA TYR A 50 -16.38 22.98 -5.80
C TYR A 50 -17.01 24.39 -5.72
N GLU A 51 -16.66 25.11 -4.65
CA GLU A 51 -17.23 26.40 -4.28
C GLU A 51 -16.34 26.99 -3.16
N ALA A 52 -16.06 28.29 -3.23
CA ALA A 52 -15.17 28.92 -2.26
C ALA A 52 -15.91 30.00 -1.46
N TRP A 53 -16.08 29.77 -0.16
CA TRP A 53 -16.76 30.72 0.71
C TRP A 53 -15.75 31.64 1.35
N LEU A 54 -16.06 32.94 1.35
CA LEU A 54 -15.12 33.97 1.81
C LEU A 54 -15.75 34.79 2.92
N GLY A 55 -14.91 35.40 3.75
CA GLY A 55 -15.36 36.20 4.88
C GLY A 55 -16.36 35.50 5.79
N ILE A 56 -16.02 34.28 6.22
CA ILE A 56 -16.85 33.56 7.18
C ILE A 56 -16.08 33.31 8.49
N HIS A 57 -16.81 32.91 9.52
CA HIS A 57 -16.24 32.61 10.82
C HIS A 57 -16.74 31.25 11.22
N ASP A 58 -18.03 30.98 10.97
CA ASP A 58 -18.60 29.67 11.19
C ASP A 58 -18.47 28.80 9.94
N VAL A 59 -17.74 27.70 10.03
CA VAL A 59 -17.59 26.77 8.91
C VAL A 59 -18.87 26.60 8.08
N HIS A 60 -20.04 26.69 8.72
CA HIS A 60 -21.33 26.55 8.03
C HIS A 60 -21.96 27.92 7.75
N GLY A 61 -21.21 28.98 7.96
CA GLY A 61 -21.68 30.33 7.68
C GLY A 61 -22.72 30.84 8.67
N ARG A 62 -22.85 30.16 9.81
CA ARG A 62 -23.96 30.42 10.72
C ARG A 62 -24.06 31.85 11.28
N GLY A 63 -22.95 32.40 11.76
CA GLY A 63 -22.99 33.79 12.20
C GLY A 63 -23.12 34.82 11.07
N ASP A 64 -22.66 34.44 9.88
CA ASP A 64 -22.14 35.42 8.95
C ASP A 64 -22.92 35.56 7.65
N GLU A 65 -24.11 36.16 7.72
CA GLU A 65 -24.90 36.44 6.54
C GLU A 65 -24.41 37.75 5.94
N LYS A 66 -24.06 38.68 6.81
CA LYS A 66 -23.63 40.00 6.40
C LYS A 66 -22.18 40.09 5.90
N CYS A 67 -21.46 38.96 5.85
CA CYS A 67 -20.06 38.99 5.37
C CYS A 67 -19.72 37.97 4.27
N LYS A 68 -20.33 36.80 4.35
CA LYS A 68 -20.17 35.70 3.39
C LYS A 68 -20.14 36.11 1.90
N GLN A 69 -19.21 35.51 1.16
CA GLN A 69 -19.11 35.68 -0.28
C GLN A 69 -18.85 34.29 -0.85
N VAL A 70 -19.77 33.74 -1.64
CA VAL A 70 -19.49 32.44 -2.26
C VAL A 70 -19.15 32.56 -3.73
N LEU A 71 -18.01 32.00 -4.11
CA LEU A 71 -17.51 32.11 -5.48
C LEU A 71 -17.25 30.75 -6.11
N ASN A 72 -17.62 30.59 -7.37
CA ASN A 72 -17.30 29.37 -8.11
C ASN A 72 -15.81 29.34 -8.48
N VAL A 73 -15.25 28.15 -8.69
CA VAL A 73 -13.84 28.08 -9.04
C VAL A 73 -13.64 27.92 -10.53
N SER A 74 -12.85 28.80 -11.14
CA SER A 74 -12.67 28.80 -12.59
C SER A 74 -11.42 28.09 -13.10
N GLN A 75 -10.38 28.00 -12.27
CA GLN A 75 -9.13 27.42 -12.70
C GLN A 75 -8.35 26.81 -11.54
N LEU A 76 -7.64 25.73 -11.85
CA LEU A 76 -6.70 25.14 -10.93
C LEU A 76 -5.32 25.22 -11.57
N VAL A 77 -4.35 25.83 -10.90
CA VAL A 77 -3.03 25.81 -11.48
C VAL A 77 -2.12 25.14 -10.47
N TYR A 78 -1.70 23.91 -10.76
CA TYR A 78 -0.84 23.15 -9.85
C TYR A 78 0.59 23.70 -9.94
N GLY A 79 1.26 23.81 -8.80
CA GLY A 79 2.64 24.28 -8.76
C GLY A 79 3.62 23.17 -9.08
N PRO A 80 4.90 23.51 -9.19
CA PRO A 80 5.99 22.57 -9.52
C PRO A 80 5.87 21.16 -8.96
N GLU A 81 6.49 20.20 -9.65
CA GLU A 81 6.35 18.77 -9.36
C GLU A 81 6.49 18.40 -7.88
N GLY A 82 7.55 18.89 -7.25
CA GLY A 82 7.76 18.67 -5.83
C GLY A 82 6.59 19.07 -4.94
N SER A 83 6.14 20.32 -5.10
CA SER A 83 5.24 20.98 -4.16
C SER A 83 3.88 20.33 -4.09
N ASP A 84 3.15 20.63 -3.01
CA ASP A 84 1.75 20.29 -2.95
C ASP A 84 0.95 21.58 -3.06
N LEU A 85 1.54 22.60 -3.66
CA LEU A 85 0.84 23.88 -3.87
C LEU A 85 -0.10 23.80 -5.06
N VAL A 86 -1.25 24.46 -4.96
CA VAL A 86 -2.07 24.75 -6.14
C VAL A 86 -2.74 26.09 -5.99
N LEU A 87 -2.71 26.88 -7.06
CA LEU A 87 -3.33 28.18 -7.10
C LEU A 87 -4.72 28.10 -7.75
N MET A 88 -5.71 28.54 -6.98
CA MET A 88 -7.10 28.50 -7.38
C MET A 88 -7.54 29.86 -7.91
N LYS A 89 -8.03 29.91 -9.15
CA LYS A 89 -8.68 31.12 -9.70
C LYS A 89 -10.18 31.06 -9.45
N LEU A 90 -10.73 32.10 -8.83
CA LEU A 90 -12.18 32.14 -8.67
C LEU A 90 -12.88 32.96 -9.75
N ALA A 91 -14.07 32.51 -10.15
CA ALA A 91 -14.79 33.05 -11.31
C ALA A 91 -15.46 34.41 -11.03
N ARG A 92 -14.65 35.45 -10.88
CA ARG A 92 -15.05 36.77 -10.39
C ARG A 92 -14.23 36.98 -9.15
N PRO A 93 -13.61 38.16 -9.01
CA PRO A 93 -12.84 38.49 -7.82
C PRO A 93 -13.69 38.53 -6.55
N ALA A 94 -13.08 38.19 -5.43
CA ALA A 94 -13.65 38.51 -4.14
C ALA A 94 -13.69 40.02 -4.01
N VAL A 95 -14.69 40.52 -3.30
CA VAL A 95 -14.82 41.95 -3.08
C VAL A 95 -14.30 42.21 -1.66
N LEU A 96 -13.37 43.14 -1.52
CA LEU A 96 -12.67 43.28 -0.25
C LEU A 96 -13.28 44.32 0.69
N ASP A 97 -14.11 43.86 1.61
CA ASP A 97 -14.52 44.70 2.72
C ASP A 97 -13.53 44.54 3.86
N ASP A 98 -14.04 44.64 5.08
CA ASP A 98 -13.25 44.44 6.29
C ASP A 98 -13.19 42.96 6.61
N PHE A 99 -14.19 42.23 6.16
CA PHE A 99 -14.26 40.79 6.38
C PHE A 99 -13.47 39.95 5.38
N VAL A 100 -13.23 40.52 4.20
CA VAL A 100 -12.40 39.84 3.23
C VAL A 100 -11.15 40.66 2.90
N SER A 101 -9.98 40.07 3.20
CA SER A 101 -8.69 40.72 2.93
C SER A 101 -7.73 39.72 2.30
N THR A 102 -6.75 40.20 1.56
CA THR A 102 -5.72 39.29 1.06
C THR A 102 -4.61 39.23 2.09
N ILE A 103 -3.88 38.13 2.15
CA ILE A 103 -2.61 38.10 2.91
C ILE A 103 -1.38 38.44 2.05
N ASP A 104 -0.34 38.97 2.69
CA ASP A 104 0.89 39.31 1.99
C ASP A 104 1.65 38.02 1.71
N LEU A 105 2.77 38.12 0.99
CA LEU A 105 3.61 36.97 0.63
C LEU A 105 5.06 37.34 0.82
N PRO A 106 5.95 36.37 1.01
CA PRO A 106 7.39 36.64 1.13
C PRO A 106 8.08 36.99 -0.21
N ASN A 107 9.29 37.52 -0.12
CA ASN A 107 10.17 37.66 -1.29
C ASN A 107 10.86 36.34 -1.60
N TYR A 108 11.18 36.08 -2.86
CA TYR A 108 11.63 34.76 -3.28
C TYR A 108 12.66 34.12 -2.34
N GLY A 109 13.81 34.76 -2.16
CA GLY A 109 14.90 34.14 -1.41
C GLY A 109 14.77 34.08 0.10
N SER A 110 13.89 34.90 0.66
CA SER A 110 13.78 35.17 2.10
C SER A 110 13.87 34.00 3.08
N THR A 111 14.35 34.31 4.28
CA THR A 111 14.34 33.38 5.41
C THR A 111 13.36 33.85 6.47
N ILE A 112 13.28 33.09 7.56
CA ILE A 112 12.67 33.55 8.81
C ILE A 112 13.56 33.14 9.96
N PRO A 113 13.71 34.02 10.96
CA PRO A 113 14.54 33.71 12.11
C PRO A 113 13.82 32.69 12.97
N GLU A 114 14.59 31.89 13.71
CA GLU A 114 14.01 30.88 14.59
C GLU A 114 13.19 31.53 15.71
N LYS A 115 12.24 30.77 16.23
CA LYS A 115 11.37 31.23 17.31
C LYS A 115 10.55 32.43 16.91
N THR A 116 10.41 32.68 15.61
CA THR A 116 9.48 33.69 15.13
C THR A 116 8.10 33.15 15.36
N SER A 117 7.23 33.94 15.98
CA SER A 117 5.93 33.42 16.39
C SER A 117 4.95 33.38 15.23
N CYS A 118 4.08 32.37 15.21
CA CYS A 118 3.18 32.12 14.08
C CYS A 118 1.83 31.57 14.49
N SER A 119 0.92 31.49 13.54
CA SER A 119 -0.37 30.84 13.76
C SER A 119 -0.78 29.98 12.58
N VAL A 120 -1.45 28.86 12.89
CA VAL A 120 -2.23 28.12 11.88
C VAL A 120 -3.70 28.37 12.15
N TYR A 121 -4.51 28.26 11.11
CA TYR A 121 -5.94 28.55 11.20
C TYR A 121 -6.79 27.52 10.48
N GLY A 122 -7.92 27.15 11.07
CA GLY A 122 -8.71 26.14 10.38
C GLY A 122 -10.04 25.75 10.95
N TRP A 123 -10.87 25.16 10.08
CA TRP A 123 -12.12 24.55 10.50
C TRP A 123 -12.04 23.02 10.52
N GLY A 124 -10.84 22.46 10.35
CA GLY A 124 -10.61 21.04 10.43
C GLY A 124 -10.76 20.51 11.86
N TYR A 125 -10.27 19.28 12.08
CA TYR A 125 -10.69 18.47 13.21
C TYR A 125 -10.12 19.01 14.47
N THR A 126 -10.89 18.91 15.55
CA THR A 126 -10.45 19.48 16.82
C THR A 126 -10.51 18.47 17.94
N GLY A 127 -10.85 17.25 17.58
CA GLY A 127 -11.02 16.20 18.55
C GLY A 127 -12.03 16.48 19.65
N LEU A 128 -12.91 17.47 19.37
CA LEU A 128 -13.94 17.85 20.33
C LEU A 128 -15.22 17.07 20.10
N ILE A 129 -15.93 16.71 21.17
CA ILE A 129 -17.24 16.05 21.04
C ILE A 129 -18.22 16.83 20.18
N ASN A 130 -18.36 18.15 20.41
CA ASN A 130 -19.13 18.99 19.48
C ASN A 130 -18.50 20.33 19.09
N TYR A 131 -17.71 20.28 18.03
CA TYR A 131 -17.09 21.48 17.47
C TYR A 131 -18.16 22.46 17.11
N ASP A 132 -18.11 23.66 17.67
CA ASP A 132 -19.11 24.68 17.38
C ASP A 132 -19.00 25.30 15.98
N GLY A 133 -17.91 25.02 15.27
CA GLY A 133 -17.82 25.34 13.86
C GLY A 133 -17.06 26.61 13.55
N LEU A 134 -16.65 27.32 14.59
CA LEU A 134 -15.91 28.57 14.44
C LEU A 134 -14.45 28.36 14.11
N LEU A 135 -13.87 29.34 13.43
CA LEU A 135 -12.46 29.29 13.03
C LEU A 135 -11.60 29.16 14.26
N ARG A 136 -10.56 28.34 14.14
CA ARG A 136 -9.71 28.09 15.27
C ARG A 136 -8.30 28.44 14.96
N VAL A 137 -7.55 28.83 15.97
CA VAL A 137 -6.19 29.25 15.74
C VAL A 137 -5.24 28.62 16.74
N ALA A 138 -4.10 28.13 16.25
CA ALA A 138 -3.11 27.56 17.14
C ALA A 138 -1.82 28.23 16.86
N HIS A 139 -1.11 28.56 17.94
CA HIS A 139 0.16 29.27 17.88
C HIS A 139 1.37 28.36 17.91
N LEU A 140 2.31 28.62 17.01
CA LEU A 140 3.55 27.89 16.90
C LEU A 140 4.69 28.87 16.71
N TYR A 141 5.90 28.42 17.02
CA TYR A 141 7.10 29.19 16.77
C TYR A 141 7.82 28.48 15.65
N ILE A 142 8.54 29.23 14.82
CA ILE A 142 9.29 28.60 13.72
C ILE A 142 10.53 27.91 14.28
N MET A 143 10.67 26.63 13.95
CA MET A 143 11.83 25.88 14.33
C MET A 143 12.70 25.82 13.10
N GLY A 144 14.00 25.68 13.27
CA GLY A 144 14.85 25.36 12.13
C GLY A 144 14.61 23.94 11.60
N ASN A 145 14.89 23.70 10.33
CA ASN A 145 14.77 22.36 9.75
C ASN A 145 15.79 21.38 10.34
N GLU A 146 16.98 21.90 10.60
CA GLU A 146 18.11 21.14 11.12
C GLU A 146 17.76 20.46 12.44
N LYS A 147 17.11 21.21 13.34
CA LYS A 147 16.56 20.64 14.59
C LYS A 147 15.26 19.88 14.34
N CYS A 148 14.46 20.38 13.42
CA CYS A 148 13.20 19.77 13.09
C CYS A 148 13.36 18.36 12.58
N SER A 149 14.50 18.08 11.94
CA SER A 149 14.80 16.73 11.43
C SER A 149 14.99 15.76 12.59
N GLN A 150 15.69 16.25 13.63
CA GLN A 150 16.09 15.51 14.83
C GLN A 150 14.95 15.35 15.83
N HIS A 151 13.91 16.14 15.67
CA HIS A 151 12.70 16.08 16.50
C HIS A 151 11.76 14.99 15.97
N HIS A 152 11.90 14.71 14.68
CA HIS A 152 11.11 13.70 14.00
C HIS A 152 11.87 12.38 14.01
N ARG A 153 13.04 12.42 14.65
CA ARG A 153 13.97 11.30 14.77
C ARG A 153 14.17 10.47 13.50
N GLY A 154 14.99 11.03 12.60
CA GLY A 154 15.42 10.35 11.39
C GLY A 154 14.34 9.91 10.43
N LYS A 155 13.09 9.97 10.86
CA LYS A 155 11.96 9.53 10.04
C LYS A 155 11.82 10.38 8.77
N VAL A 156 12.01 11.70 8.91
CA VAL A 156 11.94 12.63 7.78
C VAL A 156 13.20 13.49 7.65
N THR A 157 13.59 13.81 6.41
CA THR A 157 14.58 14.87 6.16
C THR A 157 14.03 15.94 5.19
N LEU A 158 14.06 17.18 5.63
CA LEU A 158 13.33 18.26 4.99
C LEU A 158 14.05 18.87 3.81
N ASN A 159 13.30 19.11 2.73
CA ASN A 159 13.82 19.84 1.58
C ASN A 159 13.90 21.34 1.87
N GLU A 160 14.68 22.08 1.09
CA GLU A 160 14.73 23.53 1.30
C GLU A 160 13.38 24.19 1.00
N SER A 161 12.42 23.37 0.61
CA SER A 161 11.09 23.81 0.23
C SER A 161 10.03 23.54 1.33
N GLU A 162 10.45 22.86 2.39
CA GLU A 162 9.60 22.60 3.54
C GLU A 162 10.06 23.54 4.69
N ILE A 163 9.17 23.86 5.62
CA ILE A 163 9.46 24.76 6.75
C ILE A 163 8.75 24.26 8.04
N CYS A 164 9.36 24.48 9.21
CA CYS A 164 8.79 23.94 10.48
C CYS A 164 8.25 24.95 11.48
N ALA A 165 7.18 24.55 12.15
CA ALA A 165 6.69 25.30 13.30
C ALA A 165 6.04 24.36 14.28
N GLY A 166 6.37 24.58 15.54
CA GLY A 166 5.80 23.81 16.62
C GLY A 166 5.57 24.72 17.80
N ALA A 167 4.87 24.20 18.79
CA ALA A 167 4.67 24.91 20.04
C ALA A 167 5.61 24.26 21.01
N GLU A 168 6.06 25.01 22.03
CA GLU A 168 7.04 24.45 22.96
C GLU A 168 6.38 23.40 23.85
N LYS A 169 6.90 22.19 23.77
CA LYS A 169 6.58 21.08 24.70
C LYS A 169 5.17 20.45 24.66
N ILE A 170 4.25 20.97 23.86
CA ILE A 170 2.88 20.46 23.94
C ILE A 170 2.39 19.91 22.61
N GLY A 171 1.20 19.34 22.59
CA GLY A 171 0.62 18.95 21.31
C GLY A 171 -0.41 19.95 20.84
N SER A 172 -0.14 20.66 19.75
CA SER A 172 -1.18 21.48 19.13
C SER A 172 -0.82 21.51 17.68
N GLY A 173 -1.73 21.96 16.82
CA GLY A 173 -1.47 21.94 15.38
C GLY A 173 -2.59 21.55 14.41
N PRO A 174 -2.36 21.75 13.12
CA PRO A 174 -3.41 21.55 12.11
C PRO A 174 -3.61 20.07 11.87
N CYS A 175 -4.62 19.71 11.07
CA CYS A 175 -5.07 18.34 10.97
C CYS A 175 -5.98 18.10 9.76
N GLU A 176 -6.66 16.96 9.73
CA GLU A 176 -7.69 16.74 8.71
C GLU A 176 -8.57 17.99 8.63
N GLY A 177 -8.90 18.39 7.40
CA GLY A 177 -9.78 19.52 7.17
C GLY A 177 -9.10 20.88 7.32
N ASP A 178 -7.87 20.87 7.81
CA ASP A 178 -7.10 22.10 7.96
C ASP A 178 -6.23 22.43 6.73
N TYR A 179 -5.94 21.41 5.90
CA TYR A 179 -4.95 21.51 4.81
C TYR A 179 -5.27 22.62 3.81
N GLY A 180 -4.24 23.25 3.28
CA GLY A 180 -4.41 24.33 2.32
C GLY A 180 -4.44 25.62 3.10
N GLY A 181 -4.69 25.48 4.40
CA GLY A 181 -4.68 26.60 5.32
C GLY A 181 -3.30 27.24 5.43
N PRO A 182 -3.27 28.52 5.82
CA PRO A 182 -2.01 29.25 5.99
C PRO A 182 -1.34 28.95 7.32
N LEU A 183 -0.02 28.86 7.28
CA LEU A 183 0.75 29.05 8.50
C LEU A 183 1.13 30.49 8.37
N VAL A 184 0.76 31.32 9.35
CA VAL A 184 1.11 32.73 9.18
C VAL A 184 2.01 33.25 10.26
N CYS A 185 3.05 33.95 9.83
CA CYS A 185 4.00 34.52 10.75
C CYS A 185 4.01 36.00 10.52
N GLU A 186 4.73 36.73 11.36
CA GLU A 186 5.09 38.11 11.08
C GLU A 186 6.42 38.45 11.71
N GLN A 187 7.15 39.35 11.05
CA GLN A 187 8.41 39.89 11.56
C GLN A 187 8.57 41.38 11.20
N HIS A 188 8.80 41.65 9.91
CA HIS A 188 9.11 42.99 9.38
C HIS A 188 8.21 44.06 9.99
N LYS A 189 6.90 43.91 9.79
CA LYS A 189 5.88 44.80 10.32
C LYS A 189 4.51 44.15 10.22
N MET A 190 4.15 43.71 9.01
CA MET A 190 2.83 43.16 8.70
C MET A 190 2.81 41.62 8.67
N ARG A 191 1.67 41.04 8.26
CA ARG A 191 1.43 39.59 8.26
C ARG A 191 1.67 38.96 6.89
N MET A 192 2.44 37.89 6.83
CA MET A 192 2.66 37.14 5.59
C MET A 192 2.27 35.66 5.70
N VAL A 193 1.69 35.06 4.66
CA VAL A 193 1.55 33.60 4.65
C VAL A 193 2.89 32.96 4.33
N LEU A 194 3.38 32.10 5.20
CA LEU A 194 4.77 31.65 5.12
C LEU A 194 4.93 30.15 4.88
N GLY A 195 3.90 29.40 5.26
CA GLY A 195 3.85 27.98 4.98
C GLY A 195 2.44 27.68 4.59
N VAL A 196 2.26 26.55 3.91
CA VAL A 196 0.93 26.08 3.51
C VAL A 196 0.68 24.73 4.16
N ILE A 197 -0.42 24.60 4.86
CA ILE A 197 -0.71 23.36 5.60
C ILE A 197 -0.90 22.22 4.62
N VAL A 198 -0.13 21.16 4.80
CA VAL A 198 -0.30 19.92 4.05
C VAL A 198 -0.42 18.80 5.07
N PRO A 199 -0.88 17.62 4.67
CA PRO A 199 -1.04 16.53 5.65
C PRO A 199 0.27 16.17 6.36
N GLY A 200 0.12 15.83 7.64
CA GLY A 200 1.26 15.46 8.46
C GLY A 200 1.46 13.98 8.67
N ARG A 201 2.14 13.65 9.78
CA ARG A 201 2.36 12.28 10.21
C ARG A 201 1.69 12.02 11.55
N GLY A 202 0.67 12.84 11.81
CA GLY A 202 -0.13 12.76 13.00
C GLY A 202 -0.44 14.16 13.49
N CYS A 203 -1.61 14.35 14.06
CA CYS A 203 -2.01 15.66 14.54
C CYS A 203 -1.52 15.90 15.96
N ALA A 204 -1.19 17.15 16.27
CA ALA A 204 -0.77 17.56 17.62
C ALA A 204 -0.04 16.46 18.44
N ILE A 205 1.01 15.87 17.87
CA ILE A 205 1.85 14.95 18.61
C ILE A 205 2.72 15.77 19.52
N PRO A 206 2.67 15.51 20.82
CA PRO A 206 3.40 16.35 21.77
C PRO A 206 4.84 16.39 21.35
N ASN A 207 5.34 17.61 21.22
CA ASN A 207 6.75 17.91 21.03
C ASN A 207 7.39 17.44 19.72
N ARG A 208 6.57 17.32 18.68
CA ARG A 208 7.03 17.00 17.34
C ARG A 208 6.47 18.06 16.40
N PRO A 209 7.28 19.00 15.93
CA PRO A 209 6.78 20.15 15.17
C PRO A 209 6.12 19.78 13.84
N GLY A 210 5.33 20.70 13.32
CA GLY A 210 4.69 20.51 12.03
C GLY A 210 5.58 21.03 10.90
N ILE A 211 5.63 20.28 9.81
CA ILE A 211 6.33 20.75 8.64
C ILE A 211 5.32 21.26 7.63
N PHE A 212 5.53 22.48 7.19
CA PHE A 212 4.63 23.14 6.24
C PHE A 212 5.40 23.37 4.95
N VAL A 213 4.74 23.84 3.89
CA VAL A 213 5.47 24.14 2.66
C VAL A 213 5.93 25.60 2.62
N ARG A 214 7.24 25.78 2.44
CA ARG A 214 7.85 27.10 2.34
C ARG A 214 7.26 27.78 1.15
N VAL A 215 6.50 28.84 1.38
CA VAL A 215 5.96 29.62 0.28
C VAL A 215 7.09 30.39 -0.37
N ALA A 216 8.01 30.89 0.45
CA ALA A 216 9.14 31.64 -0.08
C ALA A 216 9.81 30.88 -1.24
N TYR A 217 9.87 29.55 -1.14
CA TYR A 217 10.53 28.74 -2.14
C TYR A 217 9.80 28.81 -3.45
N TYR A 218 8.51 29.08 -3.36
CA TYR A 218 7.65 29.10 -4.53
C TYR A 218 7.12 30.50 -4.97
N ALA A 219 7.59 31.56 -4.32
CA ALA A 219 6.97 32.87 -4.49
C ALA A 219 7.04 33.38 -5.93
N LYS A 220 8.20 33.13 -6.56
CA LYS A 220 8.43 33.50 -7.96
C LYS A 220 7.28 32.94 -8.75
N TRP A 221 7.20 31.60 -8.74
CA TRP A 221 6.17 30.90 -9.48
C TRP A 221 4.78 31.47 -9.18
N ILE A 222 4.44 31.62 -7.90
CA ILE A 222 3.14 32.19 -7.54
C ILE A 222 2.92 33.53 -8.23
N HIS A 223 3.92 34.39 -8.17
CA HIS A 223 3.74 35.71 -8.71
C HIS A 223 3.47 35.66 -10.21
N LYS A 224 4.20 34.82 -10.92
CA LYS A 224 4.06 34.72 -12.39
C LYS A 224 2.70 34.14 -12.77
N ILE A 225 2.03 33.51 -11.81
CA ILE A 225 0.67 33.03 -12.05
C ILE A 225 -0.38 34.07 -11.68
N ILE A 226 -0.22 34.73 -10.53
CA ILE A 226 -1.26 35.62 -9.99
C ILE A 226 -1.18 37.05 -10.49
N LEU A 227 0.04 37.57 -10.60
CA LEU A 227 0.23 38.92 -11.13
C LEU A 227 -0.10 38.86 -12.59
N THR A 228 -0.90 39.82 -13.04
CA THR A 228 -1.39 39.88 -14.42
C THR A 228 -2.11 41.20 -14.71
N LYS B 16 17.44 -34.87 4.11
CA LYS B 16 16.87 -34.29 5.36
C LYS B 16 17.74 -33.15 5.91
N TYR B 17 17.26 -31.92 5.78
CA TYR B 17 18.01 -30.75 6.23
C TYR B 17 17.59 -30.27 7.62
N GLN B 18 18.45 -29.46 8.24
CA GLN B 18 18.28 -28.98 9.60
C GLN B 18 18.34 -27.44 9.60
N LEU B 19 17.18 -26.81 9.75
CA LEU B 19 17.04 -25.36 9.56
C LEU B 19 16.23 -24.70 10.68
N PRO B 20 16.39 -23.38 10.85
CA PRO B 20 15.59 -22.62 11.84
C PRO B 20 14.09 -22.84 11.62
N ASN B 21 13.46 -23.50 12.59
CA ASN B 21 12.15 -24.13 12.39
C ASN B 21 11.07 -23.72 13.38
N PHE B 22 10.40 -22.57 13.17
CA PHE B 22 9.23 -22.23 14.03
C PHE B 22 7.85 -22.77 13.64
N THR B 23 7.19 -23.36 14.65
CA THR B 23 5.89 -24.01 14.52
C THR B 23 4.84 -23.34 15.40
N ALA B 24 3.78 -22.84 14.80
CA ALA B 24 2.68 -22.24 15.56
C ALA B 24 1.56 -23.24 15.82
N GLU B 25 0.68 -22.89 16.76
CA GLU B 25 -0.44 -23.75 17.10
C GLU B 25 -1.65 -23.59 16.16
N THR B 26 -1.59 -22.59 15.28
CA THR B 26 -2.64 -22.40 14.26
C THR B 26 -2.03 -22.05 12.92
N PRO B 27 -2.72 -22.35 11.82
CA PRO B 27 -2.23 -22.09 10.46
C PRO B 27 -1.79 -20.63 10.19
N ILE B 28 -0.77 -20.45 9.36
CA ILE B 28 -0.22 -19.12 9.09
C ILE B 28 -0.71 -18.52 7.78
N GLN B 29 -1.47 -17.45 7.84
CA GLN B 29 -1.91 -16.85 6.59
C GLN B 29 -0.87 -15.95 5.93
N ASN B 30 -0.16 -15.16 6.75
CA ASN B 30 0.57 -13.98 6.25
C ASN B 30 1.80 -13.64 7.07
N VAL B 31 2.74 -12.92 6.46
CA VAL B 31 4.05 -12.76 7.07
C VAL B 31 4.76 -11.45 6.74
N ILE B 32 5.29 -10.79 7.77
CA ILE B 32 5.96 -9.51 7.58
C ILE B 32 7.25 -9.53 8.35
N LEU B 33 8.28 -8.94 7.75
CA LEU B 33 9.54 -8.76 8.46
C LEU B 33 9.74 -7.29 8.73
N HIS B 34 9.89 -6.94 10.00
CA HIS B 34 10.08 -5.54 10.37
C HIS B 34 11.05 -5.35 11.53
N GLU B 35 12.01 -4.44 11.36
CA GLU B 35 12.99 -4.13 12.40
C GLU B 35 13.43 -5.37 13.18
N HIS B 36 13.97 -6.35 12.46
CA HIS B 36 14.55 -7.55 13.06
C HIS B 36 13.56 -8.44 13.82
N HIS B 37 12.29 -8.36 13.45
CA HIS B 37 11.30 -9.28 13.97
C HIS B 37 10.40 -9.79 12.85
N ILE B 38 9.70 -10.88 13.11
CA ILE B 38 8.89 -11.52 12.10
C ILE B 38 7.48 -11.59 12.65
N PHE B 39 6.49 -11.14 11.87
CA PHE B 39 5.14 -11.09 12.38
C PHE B 39 4.29 -12.03 11.57
N LEU B 40 3.89 -13.14 12.19
CA LEU B 40 3.00 -14.05 11.50
C LEU B 40 1.54 -13.68 11.73
N GLY B 41 0.74 -13.61 10.67
CA GLY B 41 -0.69 -13.32 10.79
C GLY B 41 -1.41 -14.63 10.62
N ALA B 42 -2.00 -15.13 11.70
CA ALA B 42 -2.41 -16.53 11.77
C ALA B 42 -3.85 -16.64 12.17
N THR B 43 -4.42 -17.85 12.02
CA THR B 43 -5.82 -18.09 12.41
C THR B 43 -5.99 -17.80 13.90
N ASN B 44 -6.75 -16.75 14.17
CA ASN B 44 -7.01 -16.29 15.53
C ASN B 44 -5.77 -15.69 16.25
N TYR B 45 -4.67 -15.53 15.50
CA TYR B 45 -3.43 -15.11 16.13
C TYR B 45 -2.53 -14.20 15.29
N ILE B 46 -1.75 -13.38 15.99
CA ILE B 46 -0.57 -12.77 15.41
C ILE B 46 0.63 -13.14 16.29
N TYR B 47 1.69 -13.66 15.66
CA TYR B 47 2.92 -13.98 16.41
C TYR B 47 4.07 -13.04 16.11
N VAL B 48 5.03 -13.01 17.01
CA VAL B 48 6.25 -12.26 16.81
C VAL B 48 7.42 -13.19 17.09
N LEU B 49 8.25 -13.39 16.07
CA LEU B 49 9.46 -14.19 16.20
C LEU B 49 10.67 -13.31 16.02
N ASN B 50 11.80 -13.75 16.54
CA ASN B 50 13.06 -13.04 16.32
C ASN B 50 13.62 -13.33 14.94
N GLU B 51 13.97 -12.29 14.18
CA GLU B 51 14.53 -12.51 12.84
C GLU B 51 15.69 -13.51 12.85
N GLU B 52 16.51 -13.42 13.90
CA GLU B 52 17.75 -14.18 13.97
C GLU B 52 17.57 -15.68 14.16
N ASP B 53 16.71 -16.11 15.08
CA ASP B 53 16.56 -17.54 15.32
C ASP B 53 15.14 -18.10 15.28
N LEU B 54 14.17 -17.24 14.98
CA LEU B 54 12.76 -17.65 14.81
C LEU B 54 12.05 -18.11 16.11
N GLN B 55 12.68 -17.88 17.26
CA GLN B 55 12.03 -18.07 18.55
C GLN B 55 10.87 -17.09 18.71
N LYS B 56 9.74 -17.61 19.19
CA LYS B 56 8.56 -16.77 19.45
C LYS B 56 8.87 -15.86 20.63
N VAL B 57 8.72 -14.56 20.42
CA VAL B 57 8.95 -13.59 21.47
C VAL B 57 7.62 -13.20 22.09
N ALA B 58 6.63 -12.95 21.23
CA ALA B 58 5.34 -12.44 21.71
C ALA B 58 4.17 -13.00 20.92
N GLU B 59 3.01 -13.09 21.57
CA GLU B 59 1.78 -13.37 20.85
C GLU B 59 0.76 -12.26 21.07
N TYR B 60 -0.21 -12.20 20.17
CA TYR B 60 -1.40 -11.44 20.43
C TYR B 60 -2.55 -12.21 19.85
N LYS B 61 -3.59 -12.36 20.67
CA LYS B 61 -4.71 -13.22 20.38
C LYS B 61 -5.80 -12.40 19.72
N THR B 62 -5.96 -12.60 18.41
CA THR B 62 -7.10 -12.06 17.67
C THR B 62 -8.20 -13.07 17.81
N GLY B 63 -7.86 -14.19 18.47
CA GLY B 63 -8.72 -15.26 18.94
C GLY B 63 -10.18 -15.36 18.52
N PRO B 64 -10.73 -16.56 18.59
CA PRO B 64 -12.10 -16.81 18.11
C PRO B 64 -13.02 -15.67 18.53
N VAL B 65 -13.90 -15.24 17.64
CA VAL B 65 -14.73 -14.04 17.84
C VAL B 65 -16.21 -14.30 17.49
N LEU B 66 -17.13 -13.59 18.15
CA LEU B 66 -18.57 -13.85 18.02
C LEU B 66 -19.38 -12.94 17.04
N GLU B 67 -19.97 -13.56 16.02
CA GLU B 67 -20.75 -12.85 14.99
C GLU B 67 -22.20 -12.65 15.43
N HIS B 68 -22.74 -11.48 15.09
CA HIS B 68 -24.11 -11.13 15.47
C HIS B 68 -24.67 -9.99 14.62
N PRO B 69 -25.98 -10.02 14.35
CA PRO B 69 -26.63 -8.89 13.67
C PRO B 69 -26.57 -7.65 14.55
N ASP B 70 -26.82 -7.85 15.85
CA ASP B 70 -26.85 -6.77 16.83
C ASP B 70 -25.45 -6.32 17.23
N CYS B 71 -24.50 -7.26 17.32
CA CYS B 71 -23.12 -6.91 17.68
C CYS B 71 -22.34 -6.28 16.53
N PHE B 72 -22.08 -4.98 16.65
CA PHE B 72 -21.52 -4.17 15.56
C PHE B 72 -19.97 -4.26 15.45
N PRO B 73 -19.40 -3.71 14.37
CA PRO B 73 -18.09 -4.17 13.89
C PRO B 73 -16.82 -3.72 14.62
N CYS B 74 -16.81 -2.67 15.42
CA CYS B 74 -15.58 -2.40 16.15
C CYS B 74 -15.73 -2.52 17.64
N GLN B 75 -16.97 -2.75 18.08
CA GLN B 75 -17.29 -3.05 19.47
C GLN B 75 -17.40 -4.56 19.69
N ASP B 76 -16.86 -5.04 20.81
CA ASP B 76 -16.79 -6.48 21.07
C ASP B 76 -17.78 -6.95 22.13
N CYS B 77 -18.05 -8.25 22.17
CA CYS B 77 -19.13 -8.76 23.02
C CYS B 77 -18.96 -10.17 23.57
N SER B 78 -18.85 -10.23 24.90
CA SER B 78 -19.31 -11.38 25.68
C SER B 78 -20.63 -10.93 26.31
N SER B 79 -21.06 -9.73 25.90
CA SER B 79 -22.35 -9.16 26.25
C SER B 79 -23.45 -9.62 25.29
N LYS B 80 -23.16 -10.68 24.55
CA LYS B 80 -24.15 -11.40 23.75
C LYS B 80 -23.78 -12.89 23.59
N ALA B 81 -22.77 -13.32 24.35
CA ALA B 81 -22.20 -14.66 24.24
C ALA B 81 -23.24 -15.77 24.39
N ASN B 82 -24.33 -15.47 25.10
CA ASN B 82 -25.40 -16.44 25.37
C ASN B 82 -26.33 -16.69 24.19
N LEU B 83 -26.32 -15.76 23.23
CA LEU B 83 -26.80 -15.95 21.84
C LEU B 83 -28.27 -16.30 21.60
N SER B 84 -28.92 -15.53 20.72
CA SER B 84 -30.26 -15.89 20.22
C SER B 84 -30.20 -16.27 18.75
N GLY B 85 -29.24 -15.68 18.04
CA GLY B 85 -28.93 -16.03 16.67
C GLY B 85 -27.53 -15.55 16.29
N GLY B 86 -26.55 -15.92 17.13
CA GLY B 86 -25.19 -15.47 16.97
C GLY B 86 -24.19 -16.59 17.04
N VAL B 87 -23.25 -16.61 16.08
CA VAL B 87 -22.28 -17.70 15.95
C VAL B 87 -20.85 -17.29 16.32
N TRP B 88 -20.11 -18.24 16.90
CA TRP B 88 -18.70 -18.06 17.26
C TRP B 88 -17.84 -18.37 16.04
N LYS B 89 -16.90 -17.48 15.71
CA LYS B 89 -16.20 -17.55 14.42
C LYS B 89 -14.68 -17.42 14.49
N ASP B 90 -14.02 -18.19 13.61
CA ASP B 90 -12.57 -18.23 13.50
C ASP B 90 -12.09 -17.04 12.72
N ASN B 91 -11.08 -16.37 13.27
CA ASN B 91 -10.61 -15.10 12.74
C ASN B 91 -9.41 -15.24 11.80
N ILE B 92 -9.67 -15.65 10.56
CA ILE B 92 -8.59 -15.78 9.56
C ILE B 92 -7.91 -14.43 9.22
N ASN B 93 -6.58 -14.37 9.32
CA ASN B 93 -5.87 -13.19 8.90
C ASN B 93 -5.89 -13.04 7.40
N MET B 94 -6.27 -11.87 6.93
CA MET B 94 -6.37 -11.64 5.51
C MET B 94 -5.30 -10.71 5.03
N ALA B 95 -4.93 -9.76 5.88
CA ALA B 95 -3.95 -8.78 5.48
C ALA B 95 -3.05 -8.47 6.65
N LEU B 96 -1.86 -7.97 6.35
CA LEU B 96 -0.91 -7.60 7.39
C LEU B 96 0.09 -6.64 6.80
N VAL B 97 0.11 -5.41 7.31
CA VAL B 97 0.88 -4.29 6.78
C VAL B 97 1.57 -3.61 7.95
N VAL B 98 2.89 -3.46 7.86
CA VAL B 98 3.59 -2.53 8.76
C VAL B 98 3.55 -1.16 8.10
N ASP B 99 3.24 -0.12 8.87
CA ASP B 99 3.25 1.24 8.32
C ASP B 99 4.22 2.05 9.10
N THR B 100 4.91 2.93 8.41
CA THR B 100 6.04 3.59 9.04
C THR B 100 6.18 5.06 8.74
N TYR B 101 5.23 5.55 7.95
CA TYR B 101 5.05 6.96 7.63
C TYR B 101 4.52 7.60 8.89
N TYR B 102 3.47 7.03 9.47
CA TYR B 102 3.04 7.48 10.78
C TYR B 102 3.94 6.83 11.79
N ASP B 103 3.67 7.04 13.08
CA ASP B 103 4.43 6.36 14.12
C ASP B 103 4.24 4.87 13.95
N ASP B 104 5.38 4.13 13.94
CA ASP B 104 5.49 2.73 13.50
C ASP B 104 4.39 1.91 14.08
N GLN B 105 3.67 1.20 13.24
CA GLN B 105 2.51 0.46 13.66
C GLN B 105 2.28 -0.76 12.80
N LEU B 106 1.78 -1.83 13.41
CA LEU B 106 1.29 -2.95 12.66
C LEU B 106 -0.21 -2.79 12.41
N ILE B 107 -0.61 -2.80 11.13
CA ILE B 107 -2.01 -2.77 10.75
C ILE B 107 -2.38 -4.18 10.30
N SER B 108 -3.43 -4.76 10.88
CA SER B 108 -3.83 -6.12 10.48
C SER B 108 -5.33 -6.22 10.23
N CYS B 109 -5.71 -7.01 9.24
CA CYS B 109 -7.09 -7.02 8.83
C CYS B 109 -7.63 -8.41 8.76
N GLY B 110 -8.50 -8.72 9.70
CA GLY B 110 -9.12 -10.04 9.83
C GLY B 110 -10.34 -10.24 8.96
N SER B 111 -10.79 -11.49 8.87
CA SER B 111 -11.92 -11.85 8.02
C SER B 111 -13.27 -11.57 8.64
N VAL B 112 -13.29 -11.09 9.88
CA VAL B 112 -14.36 -11.49 10.74
C VAL B 112 -15.42 -10.43 11.03
N ASN B 113 -15.00 -9.22 11.38
CA ASN B 113 -16.01 -8.21 11.70
C ASN B 113 -16.31 -7.28 10.54
N ARG B 114 -16.76 -7.91 9.45
CA ARG B 114 -16.98 -7.28 8.17
C ARG B 114 -15.70 -6.75 7.57
N GLY B 115 -14.59 -7.45 7.83
CA GLY B 115 -13.29 -7.08 7.27
C GLY B 115 -12.65 -5.78 7.76
N THR B 116 -12.45 -5.73 9.07
CA THR B 116 -12.24 -4.51 9.79
C THR B 116 -10.87 -4.53 10.48
N CYS B 117 -9.95 -3.70 9.98
CA CYS B 117 -8.54 -3.70 10.45
C CYS B 117 -8.31 -3.07 11.81
N GLN B 118 -7.30 -3.54 12.53
CA GLN B 118 -6.84 -2.83 13.71
C GLN B 118 -5.36 -2.46 13.64
N ARG B 119 -4.99 -1.37 14.32
CA ARG B 119 -3.59 -1.00 14.43
C ARG B 119 -2.95 -1.35 15.79
N HIS B 120 -1.81 -2.00 15.77
CA HIS B 120 -0.99 -2.22 16.94
C HIS B 120 0.16 -1.24 16.90
N VAL B 121 0.26 -0.35 17.88
CA VAL B 121 1.32 0.67 17.85
C VAL B 121 2.48 0.26 18.72
N PHE B 122 3.64 0.02 18.10
CA PHE B 122 4.87 -0.33 18.80
C PHE B 122 5.27 0.81 19.71
N PRO B 123 5.48 0.53 20.99
CA PRO B 123 6.11 1.49 21.90
C PRO B 123 7.51 1.83 21.44
N HIS B 124 8.05 2.96 21.88
CA HIS B 124 9.26 3.50 21.26
C HIS B 124 10.57 2.73 21.53
N ASN B 125 10.46 1.50 22.04
CA ASN B 125 11.60 0.58 22.07
C ASN B 125 11.29 -0.92 21.96
N HIS B 126 10.34 -1.42 22.75
CA HIS B 126 9.92 -2.83 22.59
C HIS B 126 9.16 -2.97 21.26
N THR B 127 9.72 -3.77 20.35
CA THR B 127 9.13 -3.96 19.01
C THR B 127 8.26 -5.19 18.95
N ALA B 128 8.32 -6.03 19.97
CA ALA B 128 7.49 -7.22 19.97
C ALA B 128 6.16 -6.91 20.62
N ASP B 129 5.93 -5.64 20.93
CA ASP B 129 4.75 -5.24 21.68
C ASP B 129 3.57 -4.86 20.77
N ILE B 130 3.02 -5.91 20.15
CA ILE B 130 1.76 -5.89 19.40
C ILE B 130 0.52 -5.68 20.32
N GLN B 131 0.79 -5.57 21.62
CA GLN B 131 -0.16 -5.93 22.66
C GLN B 131 -0.66 -4.75 23.47
N SER B 132 0.26 -3.88 23.87
CA SER B 132 -0.08 -2.82 24.81
C SER B 132 -0.97 -1.68 24.24
N GLU B 133 -0.70 -1.19 23.03
CA GLU B 133 -1.56 -0.17 22.41
C GLU B 133 -2.12 -0.56 21.03
N VAL B 134 -3.40 -0.96 21.01
CA VAL B 134 -4.06 -1.51 19.85
C VAL B 134 -5.42 -0.85 19.74
N HIS B 135 -5.65 -0.14 18.64
CA HIS B 135 -6.96 0.46 18.35
C HIS B 135 -7.61 -0.21 17.16
N CYS B 136 -8.89 -0.53 17.30
CA CYS B 136 -9.70 -1.01 16.18
C CYS B 136 -10.00 0.16 15.23
N ILE B 137 -10.06 -0.07 13.92
CA ILE B 137 -10.30 1.05 12.98
C ILE B 137 -11.65 0.96 12.33
N PHE B 138 -12.62 1.67 12.91
CA PHE B 138 -13.96 1.82 12.34
C PHE B 138 -14.59 3.10 12.83
N SER B 139 -14.47 4.17 12.06
CA SER B 139 -15.17 5.43 12.32
C SER B 139 -16.61 5.37 11.82
N PRO B 140 -17.59 5.74 12.65
CA PRO B 140 -19.02 5.63 12.26
C PRO B 140 -19.36 6.56 11.09
N GLN B 141 -20.25 6.11 10.22
CA GLN B 141 -20.44 6.75 8.91
C GLN B 141 -21.64 7.69 8.85
N ILE B 142 -21.39 8.96 8.54
CA ILE B 142 -22.41 10.00 8.76
C ILE B 142 -22.87 10.80 7.53
N GLU B 143 -21.93 11.15 6.64
CA GLU B 143 -22.25 11.86 5.40
C GLU B 143 -23.02 10.95 4.44
N GLU B 144 -22.41 9.84 4.06
CA GLU B 144 -23.07 8.79 3.27
C GLU B 144 -23.15 7.48 4.08
N PRO B 145 -24.16 7.35 4.95
CA PRO B 145 -24.31 6.16 5.82
C PRO B 145 -24.46 4.83 5.08
N SER B 146 -24.45 4.89 3.75
CA SER B 146 -24.55 3.71 2.91
C SER B 146 -23.19 3.02 2.77
N GLN B 147 -22.13 3.83 2.80
CA GLN B 147 -20.78 3.34 2.56
C GLN B 147 -20.12 2.74 3.80
N CYS B 148 -19.05 1.97 3.59
CA CYS B 148 -18.32 1.35 4.68
C CYS B 148 -16.84 1.22 4.36
N PRO B 149 -16.10 2.30 4.56
CA PRO B 149 -14.71 2.35 4.11
C PRO B 149 -13.79 1.77 5.17
N ASP B 150 -14.35 1.28 6.26
CA ASP B 150 -13.50 0.69 7.28
C ASP B 150 -13.67 -0.81 7.16
N CYS B 151 -14.51 -1.21 6.22
CA CYS B 151 -14.71 -2.60 5.91
C CYS B 151 -13.75 -2.94 4.78
N VAL B 152 -12.52 -3.31 5.12
CA VAL B 152 -11.50 -3.42 4.11
C VAL B 152 -11.49 -4.78 3.47
N VAL B 153 -11.34 -5.82 4.27
CA VAL B 153 -10.95 -7.12 3.75
C VAL B 153 -12.15 -8.06 3.54
N SER B 154 -12.03 -9.01 2.61
CA SER B 154 -13.10 -10.01 2.45
C SER B 154 -12.71 -11.40 2.93
N ALA B 155 -13.54 -11.88 3.85
CA ALA B 155 -13.45 -13.21 4.43
C ALA B 155 -13.15 -14.25 3.38
N LEU B 156 -13.63 -14.03 2.17
CA LEU B 156 -13.46 -15.04 1.14
C LEU B 156 -12.47 -14.69 0.05
N GLY B 157 -11.43 -13.94 0.44
CA GLY B 157 -10.26 -13.71 -0.38
C GLY B 157 -10.01 -12.25 -0.60
N ALA B 158 -8.83 -11.79 -0.14
CA ALA B 158 -8.39 -10.38 -0.25
C ALA B 158 -6.91 -10.28 -0.58
N LYS B 159 -6.52 -9.25 -1.31
CA LYS B 159 -5.12 -8.82 -1.33
C LYS B 159 -5.03 -7.33 -1.08
N VAL B 160 -4.15 -6.97 -0.18
CA VAL B 160 -4.06 -5.59 0.27
C VAL B 160 -2.68 -5.11 0.03
N LEU B 161 -2.57 -3.98 -0.61
CA LEU B 161 -1.25 -3.43 -0.88
C LEU B 161 -1.30 -1.98 -0.44
N SER B 162 -0.37 -1.57 0.42
CA SER B 162 -0.43 -0.23 0.98
C SER B 162 0.77 0.54 0.54
N SER B 163 0.58 1.80 0.16
CA SER B 163 1.68 2.64 -0.28
C SER B 163 1.48 4.11 0.07
N VAL B 164 2.57 4.81 0.39
CA VAL B 164 2.45 6.24 0.71
C VAL B 164 2.45 7.05 -0.56
N LYS B 165 1.52 7.99 -0.65
CA LYS B 165 1.37 8.81 -1.84
C LYS B 165 0.64 10.12 -1.51
N ASP B 166 1.29 11.23 -1.86
CA ASP B 166 0.78 12.56 -1.57
C ASP B 166 0.62 12.87 -0.09
N ARG B 167 1.52 12.32 0.73
CA ARG B 167 1.48 12.49 2.19
C ARG B 167 0.35 11.71 2.85
N PHE B 168 -0.39 10.93 2.07
CA PHE B 168 -1.40 10.03 2.64
C PHE B 168 -0.99 8.55 2.55
N ILE B 169 -1.24 7.77 3.59
CA ILE B 169 -1.17 6.30 3.43
C ILE B 169 -2.36 5.74 2.57
N ASN B 170 -2.06 5.15 1.42
CA ASN B 170 -3.10 4.61 0.55
C ASN B 170 -3.20 3.10 0.59
N PHE B 171 -4.42 2.59 0.54
CA PHE B 171 -4.64 1.17 0.53
C PHE B 171 -5.35 0.75 -0.75
N PHE B 172 -4.65 -0.01 -1.57
CA PHE B 172 -5.26 -0.66 -2.74
C PHE B 172 -5.64 -2.06 -2.38
N VAL B 173 -6.82 -2.49 -2.77
CA VAL B 173 -7.39 -3.73 -2.23
C VAL B 173 -8.25 -4.55 -3.19
N GLY B 174 -7.76 -5.75 -3.48
CA GLY B 174 -8.52 -6.75 -4.22
C GLY B 174 -9.34 -7.64 -3.31
N ASN B 175 -10.61 -7.80 -3.63
CA ASN B 175 -11.51 -8.58 -2.79
C ASN B 175 -12.47 -9.43 -3.59
N THR B 176 -12.38 -10.75 -3.38
CA THR B 176 -13.38 -11.68 -3.92
C THR B 176 -14.66 -11.47 -3.16
N ILE B 177 -15.77 -11.48 -3.89
CA ILE B 177 -17.02 -10.95 -3.37
C ILE B 177 -18.23 -11.82 -3.78
N ASN B 178 -19.18 -12.01 -2.87
CA ASN B 178 -20.12 -13.13 -3.04
C ASN B 178 -21.62 -12.89 -2.87
N SER B 179 -22.03 -11.63 -2.96
CA SER B 179 -23.46 -11.26 -2.95
C SER B 179 -24.21 -11.50 -1.64
N SER B 180 -23.52 -11.85 -0.57
CA SER B 180 -24.08 -11.67 0.75
C SER B 180 -24.35 -10.16 0.90
N TYR B 181 -25.48 -9.75 0.33
CA TYR B 181 -26.01 -8.40 0.43
C TYR B 181 -25.95 -7.99 1.89
N PHE B 182 -24.88 -7.30 2.25
CA PHE B 182 -24.77 -6.78 3.61
C PHE B 182 -25.30 -5.34 3.64
N PRO B 183 -26.44 -5.14 4.33
CA PRO B 183 -26.98 -3.79 4.54
C PRO B 183 -25.93 -2.88 5.19
N ASP B 184 -25.63 -1.81 4.48
CA ASP B 184 -24.73 -0.74 4.94
C ASP B 184 -23.25 -1.09 5.21
N HIS B 185 -22.86 -2.36 4.99
CA HIS B 185 -21.44 -2.77 4.98
C HIS B 185 -21.06 -3.61 3.76
N PRO B 186 -21.08 -3.04 2.55
CA PRO B 186 -20.79 -3.85 1.38
C PRO B 186 -19.26 -3.92 1.30
N LEU B 187 -18.79 -4.71 0.35
CA LEU B 187 -17.37 -4.81 0.10
C LEU B 187 -17.16 -4.41 -1.35
N HIS B 188 -15.93 -4.13 -1.76
CA HIS B 188 -15.71 -3.76 -3.14
C HIS B 188 -14.68 -4.70 -3.76
N SER B 189 -14.83 -4.96 -5.06
CA SER B 189 -13.92 -5.86 -5.74
C SER B 189 -12.47 -5.32 -5.89
N ILE B 190 -12.32 -4.09 -6.38
CA ILE B 190 -11.07 -3.31 -6.21
C ILE B 190 -11.46 -1.93 -5.83
N SER B 191 -10.54 -1.27 -5.16
CA SER B 191 -10.85 -0.03 -4.51
C SER B 191 -9.55 0.59 -4.04
N VAL B 192 -9.65 1.87 -3.74
CA VAL B 192 -8.53 2.59 -3.19
C VAL B 192 -9.00 3.59 -2.13
N ARG B 193 -8.50 3.43 -0.90
CA ARG B 193 -8.89 4.35 0.17
C ARG B 193 -7.68 4.73 0.96
N ARG B 194 -7.71 5.92 1.55
CA ARG B 194 -6.61 6.37 2.39
C ARG B 194 -6.99 6.34 3.85
N LEU B 195 -5.99 6.30 4.75
CA LEU B 195 -6.22 6.45 6.19
C LEU B 195 -6.53 7.90 6.47
N LYS B 196 -7.13 8.18 7.61
CA LYS B 196 -7.30 9.56 8.01
C LYS B 196 -6.03 9.85 8.83
N GLU B 197 -5.56 11.10 8.81
CA GLU B 197 -4.40 11.46 9.64
C GLU B 197 -4.82 11.30 11.07
N THR B 198 -6.13 11.27 11.30
CA THR B 198 -6.58 10.98 12.65
C THR B 198 -6.51 9.50 12.98
N LYS B 199 -6.07 8.68 12.02
CA LYS B 199 -5.72 7.27 12.26
C LYS B 199 -6.88 6.40 12.73
N ASP B 200 -8.09 6.90 12.54
CA ASP B 200 -9.23 6.30 13.17
C ASP B 200 -10.26 6.00 12.11
N GLY B 201 -9.83 5.93 10.86
CA GLY B 201 -10.73 5.60 9.78
C GLY B 201 -10.18 5.77 8.39
N PHE B 202 -10.58 4.85 7.52
CA PHE B 202 -10.28 4.98 6.10
C PHE B 202 -11.37 5.81 5.40
N MET B 203 -10.99 6.50 4.33
CA MET B 203 -11.97 7.16 3.49
C MET B 203 -11.77 6.95 1.97
N PHE B 204 -12.90 6.73 1.26
CA PHE B 204 -12.91 6.62 -0.20
C PHE B 204 -13.01 8.01 -0.72
N LEU B 205 -12.13 8.38 -1.65
CA LEU B 205 -12.02 9.78 -2.04
C LEU B 205 -13.15 10.29 -2.93
N THR B 206 -13.62 9.46 -3.85
CA THR B 206 -14.80 9.73 -4.67
C THR B 206 -15.41 8.41 -5.09
N ASP B 207 -16.59 8.46 -5.73
CA ASP B 207 -17.34 7.26 -6.10
C ASP B 207 -16.65 6.50 -7.22
N GLN B 208 -15.59 7.10 -7.74
CA GLN B 208 -14.77 6.49 -8.79
C GLN B 208 -13.60 5.70 -8.21
N SER B 209 -13.59 5.52 -6.89
CA SER B 209 -12.48 4.91 -6.19
C SER B 209 -12.70 3.44 -5.95
N TYR B 210 -13.82 2.91 -6.40
CA TYR B 210 -13.97 1.45 -6.45
C TYR B 210 -14.59 1.04 -7.74
N ILE B 211 -14.27 -0.18 -8.16
CA ILE B 211 -14.94 -0.83 -9.26
C ILE B 211 -15.49 -2.14 -8.73
N ASP B 212 -16.80 -2.34 -8.90
CA ASP B 212 -17.44 -3.53 -8.34
C ASP B 212 -18.08 -4.44 -9.35
N VAL B 213 -17.84 -5.75 -9.23
CA VAL B 213 -18.68 -6.74 -9.91
C VAL B 213 -20.17 -6.34 -9.77
N LEU B 214 -20.90 -6.36 -10.88
CA LEU B 214 -22.32 -6.01 -10.86
C LEU B 214 -23.10 -6.98 -9.97
N PRO B 215 -24.04 -6.46 -9.20
CA PRO B 215 -24.89 -7.28 -8.32
C PRO B 215 -25.38 -8.59 -8.97
N GLU B 216 -25.71 -8.55 -10.26
CA GLU B 216 -26.21 -9.71 -10.99
C GLU B 216 -25.19 -10.85 -11.12
N PHE B 217 -23.92 -10.50 -11.30
CA PHE B 217 -22.86 -11.49 -11.51
C PHE B 217 -22.03 -11.79 -10.27
N ARG B 218 -22.30 -11.03 -9.20
CA ARG B 218 -21.65 -11.16 -7.90
C ARG B 218 -21.52 -12.60 -7.41
N ASP B 219 -22.34 -13.49 -7.96
CA ASP B 219 -22.29 -14.90 -7.65
C ASP B 219 -21.83 -15.66 -8.89
N SER B 220 -22.47 -15.37 -10.04
CA SER B 220 -22.30 -16.07 -11.33
C SER B 220 -21.00 -16.85 -11.36
N TYR B 221 -19.89 -16.14 -11.43
CA TYR B 221 -18.68 -16.56 -10.73
C TYR B 221 -17.55 -15.50 -10.54
N PRO B 222 -16.62 -15.80 -9.65
CA PRO B 222 -15.92 -14.74 -8.96
C PRO B 222 -14.50 -14.51 -9.48
N ILE B 223 -13.78 -13.66 -8.74
CA ILE B 223 -12.45 -13.15 -9.10
C ILE B 223 -11.45 -13.36 -7.97
N LYS B 224 -10.65 -14.43 -8.04
CA LYS B 224 -9.60 -14.64 -7.06
C LYS B 224 -8.51 -13.61 -7.30
N TYR B 225 -7.99 -13.01 -6.22
CA TYR B 225 -6.86 -12.09 -6.33
C TYR B 225 -5.57 -12.74 -5.81
N VAL B 226 -4.67 -13.12 -6.71
CA VAL B 226 -3.46 -13.86 -6.33
C VAL B 226 -2.33 -12.98 -5.81
N HIS B 227 -2.17 -11.82 -6.40
CA HIS B 227 -1.02 -10.99 -6.10
C HIS B 227 -1.26 -9.56 -6.52
N ALA B 228 -0.65 -8.63 -5.79
CA ALA B 228 -0.61 -7.24 -6.21
C ALA B 228 0.77 -6.67 -5.95
N PHE B 229 1.16 -5.67 -6.75
CA PHE B 229 2.41 -4.95 -6.54
C PHE B 229 2.42 -3.61 -7.28
N GLU B 230 3.20 -2.68 -6.77
CA GLU B 230 3.30 -1.36 -7.36
C GLU B 230 4.59 -1.37 -8.11
N SER B 231 4.61 -0.87 -9.33
CA SER B 231 5.87 -0.65 -10.05
C SER B 231 5.68 0.34 -11.18
N ASN B 232 6.61 1.28 -11.27
CA ASN B 232 6.68 2.24 -12.37
C ASN B 232 5.59 3.29 -12.32
N ASN B 233 4.96 3.43 -11.16
CA ASN B 233 3.86 4.37 -10.98
C ASN B 233 2.46 3.87 -11.37
N PHE B 234 2.35 2.59 -11.68
CA PHE B 234 1.06 1.90 -11.68
C PHE B 234 0.94 0.90 -10.53
N ILE B 235 -0.30 0.53 -10.23
CA ILE B 235 -0.54 -0.57 -9.33
C ILE B 235 -0.99 -1.71 -10.21
N TYR B 236 -0.49 -2.91 -9.91
CA TYR B 236 -0.85 -4.10 -10.66
C TYR B 236 -1.53 -5.13 -9.77
N PHE B 237 -2.61 -5.71 -10.27
CA PHE B 237 -3.15 -6.89 -9.64
C PHE B 237 -3.09 -8.12 -10.53
N LEU B 238 -2.81 -9.26 -9.91
CA LEU B 238 -2.87 -10.54 -10.61
C LEU B 238 -4.09 -11.34 -10.20
N THR B 239 -4.71 -11.99 -11.16
CA THR B 239 -6.09 -12.38 -10.99
C THR B 239 -6.50 -13.65 -11.73
N VAL B 240 -7.48 -14.37 -11.18
CA VAL B 240 -7.97 -15.58 -11.82
C VAL B 240 -9.50 -15.54 -11.91
N GLN B 241 -10.02 -15.53 -13.14
CA GLN B 241 -11.44 -15.24 -13.37
C GLN B 241 -11.89 -15.41 -14.80
N ARG B 242 -12.93 -16.24 -14.98
CA ARG B 242 -13.95 -16.14 -16.06
C ARG B 242 -13.50 -15.59 -17.41
N GLU B 243 -12.95 -16.44 -18.28
CA GLU B 243 -12.53 -15.97 -19.59
C GLU B 243 -13.54 -14.95 -20.13
N THR B 244 -14.81 -15.30 -19.93
CA THR B 244 -15.93 -14.37 -20.01
C THR B 244 -17.02 -14.81 -19.02
N LEU B 245 -17.99 -13.94 -18.77
CA LEU B 245 -19.03 -14.23 -17.79
C LEU B 245 -19.92 -15.35 -18.30
N ASP B 246 -20.58 -16.05 -17.37
CA ASP B 246 -21.19 -17.37 -17.60
C ASP B 246 -20.52 -18.24 -18.66
N ALA B 247 -19.22 -18.00 -18.86
CA ALA B 247 -18.47 -18.68 -19.90
C ALA B 247 -17.48 -19.70 -19.35
N GLN B 248 -18.02 -20.77 -18.78
CA GLN B 248 -17.33 -22.04 -18.50
C GLN B 248 -15.85 -22.02 -18.03
N THR B 249 -14.95 -21.55 -18.88
CA THR B 249 -13.50 -21.72 -18.72
C THR B 249 -12.78 -20.55 -18.04
N PHE B 250 -11.74 -20.87 -17.25
CA PHE B 250 -11.00 -19.88 -16.47
C PHE B 250 -9.62 -19.52 -17.06
N HIS B 251 -8.85 -18.69 -16.33
CA HIS B 251 -8.18 -17.56 -16.96
C HIS B 251 -7.41 -16.70 -15.95
N THR B 252 -6.22 -16.24 -16.32
CA THR B 252 -5.46 -15.29 -15.50
C THR B 252 -5.33 -13.95 -16.21
N ARG B 253 -5.60 -12.84 -15.51
CA ARG B 253 -5.32 -11.52 -16.09
C ARG B 253 -4.37 -10.68 -15.25
N ILE B 254 -3.81 -9.63 -15.86
CA ILE B 254 -3.29 -8.50 -15.10
C ILE B 254 -4.35 -7.42 -15.03
N ILE B 255 -4.34 -6.69 -13.93
CA ILE B 255 -5.13 -5.49 -13.79
C ILE B 255 -4.14 -4.39 -13.49
N ARG B 256 -4.28 -3.27 -14.18
CA ARG B 256 -3.35 -2.18 -13.99
C ARG B 256 -4.14 -0.88 -13.90
N PHE B 257 -3.73 0.01 -13.00
CA PHE B 257 -4.32 1.34 -12.92
C PHE B 257 -3.35 2.32 -12.29
N CYS B 258 -3.60 3.60 -12.57
CA CYS B 258 -2.75 4.68 -12.12
C CYS B 258 -2.79 4.74 -10.62
N SER B 259 -1.61 4.95 -10.05
CA SER B 259 -1.40 5.04 -8.60
C SER B 259 -1.97 6.37 -8.01
N ILE B 260 -3.27 6.42 -7.77
CA ILE B 260 -3.82 7.65 -7.21
C ILE B 260 -4.91 7.44 -6.13
N ASN B 261 -4.72 8.16 -5.03
CA ASN B 261 -5.74 8.45 -4.02
C ASN B 261 -7.11 8.69 -4.59
N SER B 262 -7.13 9.64 -5.54
CA SER B 262 -8.33 10.30 -6.04
C SER B 262 -9.30 9.32 -6.67
N GLY B 263 -8.82 8.11 -6.93
CA GLY B 263 -9.64 7.10 -7.58
C GLY B 263 -8.84 6.20 -8.49
N LEU B 264 -9.49 5.15 -8.96
CA LEU B 264 -8.86 4.24 -9.90
C LEU B 264 -8.92 4.87 -11.24
N HIS B 265 -7.77 5.10 -11.86
CA HIS B 265 -7.78 5.89 -13.09
C HIS B 265 -7.63 5.18 -14.43
N SER B 266 -6.46 4.71 -14.81
CA SER B 266 -6.45 4.14 -16.14
C SER B 266 -6.62 2.62 -16.14
N TYR B 267 -7.81 2.20 -15.72
CA TYR B 267 -8.08 0.80 -15.40
C TYR B 267 -8.22 -0.08 -16.63
N MET B 268 -7.54 -1.22 -16.63
CA MET B 268 -7.58 -2.16 -17.75
C MET B 268 -7.16 -3.53 -17.27
N GLU B 269 -7.92 -4.55 -17.63
CA GLU B 269 -7.51 -5.92 -17.32
C GLU B 269 -7.08 -6.58 -18.61
N MET B 270 -5.87 -7.13 -18.64
CA MET B 270 -5.44 -7.85 -19.83
C MET B 270 -5.02 -9.26 -19.48
N PRO B 271 -5.63 -10.24 -20.16
CA PRO B 271 -5.30 -11.67 -20.02
C PRO B 271 -3.83 -12.01 -20.20
N LEU B 272 -3.39 -13.06 -19.50
CA LEU B 272 -2.03 -13.60 -19.55
C LEU B 272 -2.05 -15.11 -19.86
N GLU B 273 -1.13 -15.56 -20.70
CA GLU B 273 -1.08 -16.96 -21.13
C GLU B 273 0.30 -17.55 -20.90
N CYS B 274 0.37 -18.65 -20.15
CA CYS B 274 1.59 -19.46 -20.10
C CYS B 274 1.39 -20.74 -20.90
N ILE B 275 2.35 -21.06 -21.77
CA ILE B 275 2.25 -22.25 -22.62
C ILE B 275 3.50 -23.14 -22.62
N LEU B 276 3.28 -24.42 -22.94
CA LEU B 276 4.33 -25.45 -22.96
C LEU B 276 5.13 -25.51 -24.27
N THR B 277 4.45 -25.34 -25.42
CA THR B 277 5.05 -25.41 -26.76
C THR B 277 5.64 -26.79 -27.08
N LYS B 287 -1.44 -25.41 -28.72
CA LYS B 287 -1.04 -24.67 -27.53
C LYS B 287 -1.48 -25.40 -26.26
N GLU B 288 -0.53 -25.68 -25.37
CA GLU B 288 -0.84 -26.22 -24.05
C GLU B 288 -0.73 -25.13 -22.97
N VAL B 289 -1.87 -24.59 -22.55
CA VAL B 289 -1.93 -23.35 -21.77
C VAL B 289 -2.11 -23.57 -20.26
N PHE B 290 -1.44 -22.74 -19.47
CA PHE B 290 -1.52 -22.79 -18.02
C PHE B 290 -2.25 -21.56 -17.49
N ASN B 291 -3.56 -21.72 -17.39
CA ASN B 291 -4.46 -20.61 -17.25
C ASN B 291 -4.72 -20.20 -15.81
N ILE B 292 -4.20 -20.97 -14.86
CA ILE B 292 -4.37 -20.64 -13.46
C ILE B 292 -3.07 -20.32 -12.72
N LEU B 293 -2.80 -19.03 -12.63
CA LEU B 293 -1.68 -18.49 -11.87
C LEU B 293 -1.83 -18.88 -10.41
N GLN B 294 -0.72 -19.36 -9.84
CA GLN B 294 -0.70 -20.00 -8.53
C GLN B 294 0.01 -19.17 -7.50
N ALA B 295 1.06 -18.49 -7.95
CA ALA B 295 1.84 -17.60 -7.12
C ALA B 295 2.66 -16.77 -8.08
N ALA B 296 3.31 -15.72 -7.57
CA ALA B 296 4.11 -14.81 -8.38
C ALA B 296 4.98 -13.95 -7.51
N TYR B 297 6.21 -13.72 -7.96
CA TYR B 297 7.13 -12.76 -7.35
C TYR B 297 7.60 -11.80 -8.44
N VAL B 298 8.03 -10.61 -8.01
CA VAL B 298 8.50 -9.57 -8.93
C VAL B 298 9.88 -9.13 -8.51
N SER B 299 10.83 -9.17 -9.43
CA SER B 299 12.20 -8.87 -9.09
C SER B 299 12.95 -8.41 -10.32
N LYS B 300 14.20 -8.03 -10.11
CA LYS B 300 15.04 -7.65 -11.21
C LYS B 300 15.67 -8.94 -11.72
N PRO B 301 16.13 -8.98 -12.96
CA PRO B 301 16.84 -10.16 -13.47
C PRO B 301 18.37 -10.08 -13.25
N GLY B 302 19.02 -11.23 -13.40
CA GLY B 302 20.48 -11.28 -13.53
C GLY B 302 20.85 -11.24 -15.00
N ALA B 303 22.11 -10.95 -15.30
CA ALA B 303 22.53 -10.75 -16.69
C ALA B 303 22.14 -11.87 -17.64
N GLN B 304 22.36 -13.14 -17.25
CA GLN B 304 22.10 -14.28 -18.14
C GLN B 304 20.65 -14.28 -18.57
N LEU B 305 19.74 -14.34 -17.60
CA LEU B 305 18.33 -14.26 -17.92
C LEU B 305 18.02 -12.98 -18.66
N ALA B 306 18.62 -11.87 -18.22
CA ALA B 306 18.33 -10.57 -18.79
C ALA B 306 18.48 -10.66 -20.29
N ARG B 307 19.73 -10.77 -20.76
CA ARG B 307 20.04 -10.99 -22.16
C ARG B 307 18.92 -11.74 -22.90
N GLN B 308 18.48 -12.85 -22.31
CA GLN B 308 17.54 -13.76 -22.96
C GLN B 308 16.10 -13.30 -23.16
N ILE B 309 15.53 -12.54 -22.21
CA ILE B 309 14.09 -12.24 -22.26
C ILE B 309 13.73 -10.81 -22.66
N GLY B 310 14.72 -10.00 -23.03
CA GLY B 310 14.45 -8.61 -23.31
C GLY B 310 15.16 -7.66 -22.37
N ALA B 311 15.79 -8.22 -21.34
CA ALA B 311 16.91 -7.60 -20.62
C ALA B 311 16.60 -6.34 -19.82
N SER B 312 17.64 -5.51 -19.67
CA SER B 312 17.70 -4.38 -18.75
C SER B 312 17.99 -4.83 -17.32
N LEU B 313 19.28 -4.83 -16.99
CA LEU B 313 19.80 -5.24 -15.68
C LEU B 313 18.93 -4.76 -14.53
N ASN B 314 18.35 -3.58 -14.72
CA ASN B 314 17.57 -2.88 -13.71
C ASN B 314 16.09 -2.79 -14.11
N ASP B 315 15.51 -3.93 -14.47
CA ASP B 315 14.10 -3.99 -14.85
C ASP B 315 13.25 -4.92 -14.00
N ASP B 316 12.00 -4.54 -13.77
CA ASP B 316 11.09 -5.39 -13.02
C ASP B 316 10.49 -6.49 -13.90
N ILE B 317 10.60 -7.73 -13.44
CA ILE B 317 9.98 -8.85 -14.11
C ILE B 317 9.03 -9.59 -13.19
N LEU B 318 7.89 -9.97 -13.75
CA LEU B 318 6.91 -10.74 -13.02
C LEU B 318 7.15 -12.23 -13.30
N PHE B 319 7.73 -12.91 -12.31
CA PHE B 319 7.83 -14.35 -12.38
C PHE B 319 6.54 -14.94 -11.88
N GLY B 320 5.87 -15.72 -12.72
CA GLY B 320 4.59 -16.30 -12.37
C GLY B 320 4.54 -17.81 -12.51
N VAL B 321 4.25 -18.47 -11.41
CA VAL B 321 4.16 -19.92 -11.44
C VAL B 321 2.69 -20.31 -11.71
N PHE B 322 2.43 -20.88 -12.88
CA PHE B 322 1.06 -21.16 -13.36
C PHE B 322 0.69 -22.62 -13.25
N ALA B 323 -0.45 -22.98 -13.83
CA ALA B 323 -1.01 -24.34 -13.73
C ALA B 323 -2.18 -24.55 -14.69
N GLN B 324 -2.39 -25.81 -15.08
CA GLN B 324 -3.44 -26.17 -16.02
C GLN B 324 -4.76 -26.49 -15.32
N SER B 325 -5.85 -25.98 -15.90
CA SER B 325 -7.18 -26.14 -15.37
C SER B 325 -7.72 -27.54 -15.59
N LYS B 326 -8.40 -28.06 -14.57
CA LYS B 326 -9.29 -29.19 -14.75
C LYS B 326 -10.42 -28.68 -15.63
N PRO B 327 -10.72 -29.38 -16.73
CA PRO B 327 -11.61 -28.83 -17.77
C PRO B 327 -12.94 -28.33 -17.21
N ASP B 328 -13.33 -27.14 -17.68
CA ASP B 328 -14.54 -26.41 -17.25
C ASP B 328 -14.47 -25.89 -15.81
N SER B 329 -13.27 -25.78 -15.26
CA SER B 329 -13.11 -25.37 -13.87
C SER B 329 -12.02 -24.31 -13.63
N ALA B 330 -11.79 -24.01 -12.35
CA ALA B 330 -10.83 -23.04 -11.89
C ALA B 330 -9.82 -23.68 -10.94
N GLU B 331 -10.18 -24.87 -10.47
CA GLU B 331 -9.30 -25.71 -9.67
C GLU B 331 -8.13 -26.22 -10.54
N PRO B 332 -6.95 -26.30 -9.96
CA PRO B 332 -5.75 -26.70 -10.70
C PRO B 332 -5.42 -28.18 -10.59
N MET B 333 -4.99 -28.76 -11.71
CA MET B 333 -4.43 -30.10 -11.75
C MET B 333 -2.94 -30.04 -11.37
N ASP B 334 -2.32 -31.19 -11.14
CA ASP B 334 -0.91 -31.21 -10.76
C ASP B 334 0.05 -30.99 -11.94
N ARG B 335 -0.26 -30.00 -12.78
CA ARG B 335 0.57 -29.67 -13.94
C ARG B 335 1.06 -28.24 -13.82
N SER B 336 2.37 -28.03 -13.77
CA SER B 336 2.88 -26.67 -13.61
C SER B 336 3.87 -26.24 -14.67
N ALA B 337 3.98 -24.93 -14.81
CA ALA B 337 4.96 -24.27 -15.67
C ALA B 337 5.10 -22.85 -15.14
N MET B 338 6.32 -22.34 -15.10
CA MET B 338 6.51 -20.94 -14.70
C MET B 338 7.00 -20.17 -15.91
N CYS B 339 6.58 -18.92 -16.02
CA CYS B 339 7.08 -18.03 -17.07
C CYS B 339 6.98 -16.57 -16.69
N ALA B 340 7.88 -15.77 -17.27
CA ALA B 340 8.23 -14.45 -16.73
C ALA B 340 7.90 -13.31 -17.67
N PHE B 341 7.22 -12.30 -17.15
CA PHE B 341 6.81 -11.14 -17.93
C PHE B 341 7.49 -9.90 -17.40
N PRO B 342 8.34 -9.25 -18.19
CA PRO B 342 8.89 -7.96 -17.76
C PRO B 342 7.76 -6.94 -17.81
N ILE B 343 7.61 -6.18 -16.74
CA ILE B 343 6.47 -5.28 -16.67
C ILE B 343 6.59 -4.20 -17.73
N LYS B 344 7.83 -3.96 -18.19
CA LYS B 344 8.04 -2.99 -19.25
C LYS B 344 7.28 -3.37 -20.50
N TYR B 345 7.21 -4.67 -20.80
CA TYR B 345 6.45 -5.17 -21.97
C TYR B 345 4.97 -5.25 -21.70
N VAL B 346 4.61 -5.69 -20.49
CA VAL B 346 3.23 -5.60 -20.04
C VAL B 346 2.63 -4.23 -20.39
N ASN B 347 3.30 -3.15 -19.98
CA ASN B 347 2.88 -1.79 -20.30
C ASN B 347 2.74 -1.53 -21.79
N ASP B 348 3.72 -1.96 -22.57
CA ASP B 348 3.66 -1.78 -24.01
C ASP B 348 2.36 -2.37 -24.52
N PHE B 349 2.11 -3.62 -24.17
CA PHE B 349 0.90 -4.32 -24.54
C PHE B 349 -0.36 -3.59 -24.09
N PHE B 350 -0.28 -2.90 -22.96
CA PHE B 350 -1.38 -2.10 -22.44
C PHE B 350 -1.53 -0.81 -23.23
N ASN B 351 -0.40 -0.15 -23.53
CA ASN B 351 -0.39 1.18 -24.14
C ASN B 351 -0.69 1.21 -25.64
N LYS B 352 0.04 0.40 -26.41
CA LYS B 352 0.04 0.51 -27.87
C LYS B 352 -1.34 0.35 -28.55
N ILE B 353 -1.45 0.94 -29.76
CA ILE B 353 -2.68 0.95 -30.55
C ILE B 353 -2.98 -0.38 -31.22
N ASN B 358 -10.23 -4.62 -31.46
CA ASN B 358 -9.05 -4.30 -30.67
C ASN B 358 -9.28 -4.46 -29.17
N VAL B 359 -10.10 -3.58 -28.59
CA VAL B 359 -10.28 -3.47 -27.15
C VAL B 359 -11.75 -3.61 -26.77
N ARG B 360 -12.05 -4.52 -25.85
CA ARG B 360 -13.42 -4.71 -25.37
C ARG B 360 -13.77 -3.72 -24.25
N CYS B 361 -14.86 -3.99 -23.54
CA CYS B 361 -15.29 -3.16 -22.42
C CYS B 361 -15.63 -4.05 -21.23
N LEU B 362 -15.48 -3.50 -20.02
CA LEU B 362 -15.46 -4.28 -18.80
C LEU B 362 -16.76 -4.97 -18.45
N GLN B 363 -16.93 -6.18 -18.99
CA GLN B 363 -18.22 -6.88 -18.98
C GLN B 363 -18.84 -7.10 -17.60
N HIS B 364 -18.01 -7.19 -16.57
CA HIS B 364 -18.48 -7.51 -15.22
C HIS B 364 -18.82 -6.28 -14.36
N PHE B 365 -18.48 -5.09 -14.87
CA PHE B 365 -18.63 -3.84 -14.11
C PHE B 365 -19.67 -2.91 -14.74
N TYR B 366 -19.57 -2.79 -16.07
CA TYR B 366 -20.61 -2.19 -16.88
C TYR B 366 -21.56 -3.32 -17.18
N GLY B 367 -22.68 -3.02 -17.83
CA GLY B 367 -23.47 -4.08 -18.44
C GLY B 367 -22.67 -4.64 -19.61
N PRO B 368 -23.05 -5.81 -20.12
CA PRO B 368 -22.64 -6.19 -21.47
C PRO B 368 -23.34 -5.27 -22.46
N ASN B 369 -24.47 -4.70 -22.04
CA ASN B 369 -25.21 -3.74 -22.83
C ASN B 369 -25.16 -2.33 -22.23
N HIS B 370 -25.98 -1.44 -22.79
CA HIS B 370 -26.05 -0.02 -22.43
C HIS B 370 -24.77 0.77 -22.76
N GLU B 371 -24.86 2.10 -22.61
CA GLU B 371 -23.83 3.06 -23.02
C GLU B 371 -22.42 2.73 -22.52
N HIS B 372 -21.45 3.53 -22.98
CA HIS B 372 -20.01 3.30 -22.74
C HIS B 372 -19.53 2.05 -23.49
N CYS B 373 -20.27 0.96 -23.38
CA CYS B 373 -19.93 -0.30 -24.02
C CYS B 373 -20.24 -0.29 -25.53
N PHE B 374 -21.20 0.54 -25.93
CA PHE B 374 -21.50 0.73 -27.35
C PHE B 374 -21.02 2.12 -27.79
N ASN B 375 -19.77 2.45 -27.44
CA ASN B 375 -19.22 3.80 -27.62
C ASN B 375 -17.80 3.90 -28.22
N ARG B 376 -16.83 4.32 -27.40
CA ARG B 376 -15.49 4.75 -27.83
C ARG B 376 -15.54 5.85 -28.90
N ASP B 390 -9.38 7.40 -16.02
CA ASP B 390 -10.38 8.30 -15.46
C ASP B 390 -11.79 7.76 -15.72
N GLU B 391 -12.21 7.77 -16.97
CA GLU B 391 -13.63 7.59 -17.33
C GLU B 391 -14.03 6.19 -17.78
N TYR B 392 -13.25 5.59 -18.68
CA TYR B 392 -13.55 4.27 -19.24
C TYR B 392 -12.71 3.13 -18.66
N ARG B 393 -13.26 1.92 -18.74
CA ARG B 393 -12.71 0.75 -18.08
C ARG B 393 -12.61 -0.40 -19.08
N THR B 394 -11.38 -0.71 -19.48
CA THR B 394 -11.12 -1.50 -20.69
C THR B 394 -10.61 -2.93 -20.47
N GLU B 395 -11.37 -3.89 -20.96
CA GLU B 395 -10.93 -5.27 -21.08
C GLU B 395 -10.14 -5.43 -22.38
N PHE B 396 -9.24 -6.41 -22.43
CA PHE B 396 -8.49 -6.72 -23.64
C PHE B 396 -8.94 -8.08 -24.12
N THR B 397 -8.92 -8.27 -25.43
CA THR B 397 -9.47 -9.47 -26.05
C THR B 397 -8.44 -10.56 -26.30
N THR B 398 -7.15 -10.18 -26.32
CA THR B 398 -6.05 -11.14 -26.51
C THR B 398 -5.03 -11.07 -25.37
N ALA B 399 -4.48 -12.23 -25.04
CA ALA B 399 -3.48 -12.37 -24.00
C ALA B 399 -2.08 -11.96 -24.45
N LEU B 400 -1.23 -11.68 -23.49
CA LEU B 400 0.19 -11.56 -23.71
C LEU B 400 0.73 -12.94 -23.34
N GLN B 401 1.25 -13.65 -24.32
CA GLN B 401 1.74 -14.99 -24.07
C GLN B 401 3.25 -15.08 -23.99
N ARG B 402 3.71 -16.01 -23.16
CA ARG B 402 5.11 -16.33 -23.00
C ARG B 402 5.19 -17.82 -22.71
N VAL B 403 6.36 -18.39 -22.96
CA VAL B 403 6.56 -19.84 -22.86
C VAL B 403 7.16 -20.25 -21.52
N ASP B 404 6.89 -21.48 -21.12
CA ASP B 404 7.50 -22.07 -19.91
C ASP B 404 9.02 -21.93 -19.99
N LEU B 405 9.60 -21.47 -18.89
CA LEU B 405 11.04 -21.27 -18.80
C LEU B 405 11.70 -22.53 -18.28
N PHE B 406 10.88 -23.46 -17.82
CA PHE B 406 11.34 -24.73 -17.30
C PHE B 406 11.19 -25.84 -18.32
N MET B 407 10.45 -25.52 -19.39
CA MET B 407 10.24 -26.43 -20.53
C MET B 407 9.55 -27.74 -20.16
N GLY B 408 8.70 -27.69 -19.14
CA GLY B 408 7.99 -28.89 -18.70
C GLY B 408 8.67 -29.59 -17.56
N GLN B 409 9.86 -29.12 -17.18
CA GLN B 409 10.59 -29.64 -16.02
C GLN B 409 9.66 -29.94 -14.85
N PHE B 410 8.52 -29.26 -14.83
CA PHE B 410 7.60 -29.30 -13.71
C PHE B 410 6.16 -29.60 -14.10
N SER B 411 5.99 -30.27 -15.23
CA SER B 411 4.66 -30.47 -15.79
C SER B 411 3.90 -31.65 -15.18
N GLU B 412 4.44 -32.20 -14.09
CA GLU B 412 3.76 -33.28 -13.38
C GLU B 412 3.50 -33.01 -11.89
N VAL B 413 3.98 -31.85 -11.42
CA VAL B 413 3.76 -31.37 -10.04
C VAL B 413 3.07 -30.00 -10.01
N LEU B 414 2.45 -29.66 -8.87
CA LEU B 414 1.73 -28.38 -8.68
C LEU B 414 2.54 -27.35 -7.88
N LEU B 415 3.28 -26.51 -8.59
CA LEU B 415 4.07 -25.42 -7.99
C LEU B 415 3.13 -24.43 -7.35
N THR B 416 3.37 -24.13 -6.07
CA THR B 416 2.42 -23.35 -5.30
C THR B 416 3.06 -22.12 -4.74
N SER B 417 4.37 -21.99 -4.97
CA SER B 417 5.08 -20.83 -4.46
C SER B 417 6.38 -20.52 -5.21
N ILE B 418 6.58 -19.26 -5.58
CA ILE B 418 7.83 -18.85 -6.25
C ILE B 418 8.41 -17.58 -5.64
N SER B 419 9.72 -17.48 -5.74
CA SER B 419 10.49 -16.36 -5.24
C SER B 419 11.77 -16.38 -6.10
N THR B 420 12.54 -15.28 -6.11
CA THR B 420 13.60 -15.13 -7.11
C THR B 420 14.81 -14.33 -6.64
N PHE B 421 16.01 -14.77 -7.04
CA PHE B 421 17.20 -13.97 -6.71
C PHE B 421 18.35 -14.11 -7.69
N ILE B 422 19.25 -13.13 -7.60
CA ILE B 422 20.43 -13.06 -8.47
C ILE B 422 21.62 -13.59 -7.70
N LYS B 423 22.41 -14.45 -8.34
CA LYS B 423 23.77 -14.73 -7.89
C LYS B 423 24.70 -14.46 -9.06
N GLY B 424 25.48 -13.39 -8.95
CA GLY B 424 26.32 -12.93 -10.04
C GLY B 424 25.56 -12.75 -11.35
N ASP B 425 25.67 -13.74 -12.23
CA ASP B 425 25.00 -13.67 -13.52
C ASP B 425 23.73 -14.49 -13.50
N LEU B 426 23.61 -15.31 -12.46
CA LEU B 426 22.54 -16.28 -12.41
C LEU B 426 21.28 -15.70 -11.82
N THR B 427 20.14 -16.15 -12.36
CA THR B 427 18.82 -15.86 -11.76
C THR B 427 18.27 -17.15 -11.16
N ILE B 428 17.93 -17.11 -9.87
CA ILE B 428 17.46 -18.31 -9.17
C ILE B 428 16.03 -18.27 -8.61
N ALA B 429 15.21 -19.20 -9.07
CA ALA B 429 13.89 -19.44 -8.52
C ALA B 429 13.98 -20.21 -7.20
N ASN B 430 13.14 -19.82 -6.24
CA ASN B 430 12.89 -20.62 -5.05
C ASN B 430 11.49 -21.22 -5.19
N LEU B 431 11.40 -22.53 -5.37
CA LEU B 431 10.12 -23.12 -5.67
C LEU B 431 9.51 -23.92 -4.54
N GLY B 432 8.19 -24.02 -4.55
CA GLY B 432 7.42 -24.73 -3.54
C GLY B 432 6.27 -25.50 -4.17
N THR B 433 5.85 -26.57 -3.50
CA THR B 433 5.01 -27.60 -4.13
C THR B 433 3.91 -28.07 -3.19
N SER B 434 2.81 -28.56 -3.75
CA SER B 434 1.72 -29.10 -2.96
C SER B 434 2.13 -30.32 -2.13
N GLU B 435 3.12 -31.06 -2.62
CA GLU B 435 3.62 -32.25 -1.92
C GLU B 435 4.52 -31.86 -0.74
N GLY B 436 4.93 -30.60 -0.68
CA GLY B 436 5.76 -30.10 0.41
C GLY B 436 7.20 -29.86 0.00
N ARG B 437 7.51 -30.10 -1.26
CA ARG B 437 8.89 -30.02 -1.71
C ARG B 437 9.32 -28.57 -1.96
N PHE B 438 10.48 -28.20 -1.42
CA PHE B 438 11.09 -26.90 -1.67
C PHE B 438 12.34 -27.06 -2.51
N MET B 439 12.50 -26.25 -3.54
CA MET B 439 13.67 -26.43 -4.42
C MET B 439 14.19 -25.19 -5.13
N GLN B 440 15.51 -25.05 -5.15
CA GLN B 440 16.18 -23.93 -5.82
C GLN B 440 16.61 -24.30 -7.24
N VAL B 441 16.06 -23.59 -8.24
CA VAL B 441 16.45 -23.78 -9.65
C VAL B 441 17.08 -22.53 -10.25
N VAL B 442 17.87 -22.74 -11.31
CA VAL B 442 18.40 -21.67 -12.14
C VAL B 442 17.48 -21.42 -13.32
N VAL B 443 17.17 -20.14 -13.55
CA VAL B 443 16.26 -19.74 -14.61
C VAL B 443 17.00 -19.49 -15.91
N SER B 444 16.57 -20.16 -16.98
CA SER B 444 17.19 -19.99 -18.30
C SER B 444 16.36 -20.52 -19.46
N ARG B 445 16.48 -19.86 -20.61
CA ARG B 445 15.94 -20.37 -21.86
C ARG B 445 16.97 -21.36 -22.39
N SER B 446 18.18 -20.85 -22.64
CA SER B 446 19.32 -21.64 -23.05
C SER B 446 19.85 -22.44 -21.86
N GLY B 447 19.44 -23.70 -21.78
CA GLY B 447 19.75 -24.53 -20.64
C GLY B 447 18.46 -24.93 -19.95
N PRO B 448 18.19 -26.23 -19.88
CA PRO B 448 16.94 -26.75 -19.31
C PRO B 448 17.13 -27.17 -17.85
N SER B 449 17.68 -26.28 -17.04
CA SER B 449 18.33 -26.66 -15.78
C SER B 449 17.49 -27.44 -14.78
N THR B 450 18.20 -28.32 -14.07
CA THR B 450 17.64 -29.16 -13.03
C THR B 450 18.05 -28.59 -11.69
N PRO B 451 17.16 -28.70 -10.71
CA PRO B 451 17.33 -28.00 -9.44
C PRO B 451 18.52 -28.52 -8.67
N HIS B 452 19.30 -27.62 -8.11
CA HIS B 452 20.44 -28.01 -7.29
C HIS B 452 20.07 -28.18 -5.82
N VAL B 453 18.88 -27.70 -5.46
CA VAL B 453 18.31 -28.00 -4.14
C VAL B 453 16.90 -28.58 -4.31
N ASN B 454 16.61 -29.67 -3.61
CA ASN B 454 15.35 -30.37 -3.73
C ASN B 454 15.11 -31.24 -2.52
N PHE B 455 14.03 -30.98 -1.78
CA PHE B 455 13.76 -31.69 -0.53
C PHE B 455 12.40 -31.39 0.11
N LEU B 456 12.09 -32.14 1.16
CA LEU B 456 10.82 -32.07 1.86
C LEU B 456 10.81 -31.07 3.01
N LEU B 457 9.95 -30.07 2.90
CA LEU B 457 9.49 -29.29 4.04
C LEU B 457 8.19 -29.93 4.54
N ASP B 458 7.76 -29.55 5.74
CA ASP B 458 6.62 -30.23 6.39
C ASP B 458 5.48 -30.60 5.48
N SER B 459 5.08 -31.87 5.53
CA SER B 459 4.10 -32.48 4.63
C SER B 459 2.96 -31.58 4.13
N HIS B 460 2.67 -30.50 4.84
CA HIS B 460 1.67 -29.54 4.39
C HIS B 460 2.22 -28.73 3.21
N PRO B 461 1.37 -28.36 2.24
CA PRO B 461 1.84 -27.70 1.01
C PRO B 461 2.68 -26.45 1.29
N VAL B 462 3.33 -25.92 0.27
CA VAL B 462 4.10 -24.67 0.41
C VAL B 462 3.22 -23.46 0.10
N SER B 463 3.33 -22.43 0.93
CA SER B 463 2.45 -21.28 0.84
C SER B 463 3.03 -20.24 -0.09
N PRO B 464 2.13 -19.59 -0.86
CA PRO B 464 2.55 -18.59 -1.85
C PRO B 464 3.06 -17.31 -1.16
N GLU B 465 2.64 -17.10 0.09
CA GLU B 465 3.13 -15.99 0.89
C GLU B 465 4.57 -16.24 1.29
N VAL B 466 5.49 -15.42 0.79
CA VAL B 466 6.92 -15.65 0.98
C VAL B 466 7.71 -14.39 1.24
N ILE B 467 8.81 -14.50 1.97
CA ILE B 467 9.72 -13.35 2.19
C ILE B 467 11.16 -13.64 1.74
N VAL B 468 11.74 -12.70 1.00
CA VAL B 468 13.17 -12.76 0.69
C VAL B 468 13.87 -11.56 1.28
N GLU B 469 14.96 -11.77 1.99
CA GLU B 469 15.69 -10.62 2.47
C GLU B 469 17.17 -10.76 2.30
N HIS B 470 17.75 -9.79 1.62
CA HIS B 470 19.15 -9.82 1.30
C HIS B 470 19.99 -9.24 2.42
N THR B 471 21.27 -9.62 2.41
CA THR B 471 22.24 -9.05 3.32
C THR B 471 23.49 -8.81 2.50
N LEU B 472 24.37 -7.93 2.99
CA LEU B 472 25.54 -7.48 2.25
C LEU B 472 26.33 -8.63 1.63
N ASN B 473 26.78 -8.43 0.39
CA ASN B 473 27.59 -9.38 -0.39
C ASN B 473 26.79 -10.48 -1.12
N GLN B 474 25.48 -10.26 -1.27
CA GLN B 474 24.62 -11.09 -2.13
C GLN B 474 24.15 -12.46 -1.57
N ASN B 475 24.12 -12.61 -0.23
CA ASN B 475 23.34 -13.70 0.37
C ASN B 475 22.03 -13.21 1.02
N GLY B 476 21.59 -13.89 2.08
CA GLY B 476 20.30 -13.63 2.70
C GLY B 476 19.49 -14.92 2.84
N TYR B 477 18.17 -14.80 2.99
CA TYR B 477 17.34 -15.97 3.27
C TYR B 477 15.92 -15.79 2.78
N THR B 478 15.19 -16.89 2.61
CA THR B 478 13.76 -16.85 2.35
C THR B 478 13.11 -17.37 3.58
N LEU B 479 11.99 -16.75 3.94
CA LEU B 479 11.11 -17.31 4.95
C LEU B 479 9.99 -18.00 4.23
N VAL B 480 9.75 -19.25 4.60
CA VAL B 480 8.87 -20.13 3.86
C VAL B 480 7.88 -20.89 4.74
N ILE B 481 6.60 -20.53 4.56
CA ILE B 481 5.46 -21.05 5.34
C ILE B 481 4.90 -22.37 4.80
N THR B 482 4.72 -23.32 5.70
CA THR B 482 4.28 -24.66 5.35
C THR B 482 3.27 -25.08 6.40
N GLY B 483 2.00 -25.23 6.00
CA GLY B 483 0.93 -25.45 6.96
C GLY B 483 0.94 -24.39 8.06
N LYS B 484 1.53 -24.74 9.20
CA LYS B 484 1.73 -23.79 10.31
C LYS B 484 3.17 -23.74 10.80
N LYS B 485 4.13 -23.81 9.88
CA LYS B 485 5.55 -23.74 10.23
C LYS B 485 6.29 -22.80 9.27
N ILE B 486 7.07 -21.88 9.83
CA ILE B 486 7.88 -21.00 9.01
C ILE B 486 9.37 -21.35 9.13
N THR B 487 10.03 -21.46 7.99
CA THR B 487 11.38 -22.00 7.92
C THR B 487 12.28 -20.97 7.29
N LYS B 488 13.51 -20.87 7.75
CA LYS B 488 14.42 -19.82 7.28
C LYS B 488 15.50 -20.40 6.37
N ILE B 489 15.11 -20.71 5.14
CA ILE B 489 16.01 -21.28 4.16
C ILE B 489 16.98 -20.24 3.59
N PRO B 490 18.28 -20.42 3.87
CA PRO B 490 19.32 -19.55 3.30
C PRO B 490 19.27 -19.59 1.80
N LEU B 491 19.52 -18.46 1.15
CA LEU B 491 19.52 -18.41 -0.31
C LEU B 491 20.66 -19.19 -0.95
N ASN B 492 21.75 -19.43 -0.22
CA ASN B 492 23.01 -19.76 -0.89
C ASN B 492 23.77 -21.06 -0.56
N GLY B 493 24.13 -21.27 0.69
CA GLY B 493 25.01 -22.38 1.02
C GLY B 493 24.46 -23.77 0.73
N LEU B 494 23.14 -23.86 0.65
CA LEU B 494 22.42 -25.12 0.82
C LEU B 494 22.76 -26.24 -0.15
N GLY B 495 22.90 -25.90 -1.42
CA GLY B 495 23.12 -26.91 -2.45
C GLY B 495 24.44 -27.68 -2.31
N CYS B 496 25.05 -27.58 -1.14
CA CYS B 496 26.32 -28.22 -0.88
C CYS B 496 26.17 -29.22 0.24
N ARG B 497 25.23 -28.93 1.14
CA ARG B 497 25.15 -29.61 2.43
C ARG B 497 24.84 -31.09 2.29
N HIS B 498 24.26 -31.49 1.17
CA HIS B 498 23.90 -32.89 0.97
C HIS B 498 25.01 -33.79 0.40
N PHE B 499 26.22 -33.27 0.23
CA PHE B 499 27.35 -34.10 -0.22
C PHE B 499 28.09 -34.69 0.98
N GLN B 500 28.03 -36.03 1.06
CA GLN B 500 28.38 -36.73 2.28
C GLN B 500 29.86 -37.13 2.28
N SER B 501 30.60 -36.65 1.27
CA SER B 501 31.98 -37.08 1.07
C SER B 501 32.78 -36.13 0.17
N CYS B 502 34.07 -35.95 0.55
CA CYS B 502 34.95 -35.02 -0.17
C CYS B 502 34.84 -35.14 -1.68
N SER B 503 35.26 -36.34 -2.20
CA SER B 503 35.14 -36.58 -3.63
C SER B 503 33.83 -36.06 -4.22
N GLN B 504 32.70 -36.53 -3.68
CA GLN B 504 31.39 -36.18 -4.20
C GLN B 504 31.23 -34.67 -4.28
N CYS B 505 31.71 -34.02 -3.23
CA CYS B 505 31.63 -32.57 -3.05
C CYS B 505 32.45 -31.84 -4.11
N LEU B 506 33.64 -32.31 -4.39
CA LEU B 506 34.42 -31.67 -5.44
C LEU B 506 33.77 -31.89 -6.81
N SER B 507 32.74 -32.72 -6.85
CA SER B 507 32.16 -33.11 -8.14
C SER B 507 30.87 -32.34 -8.46
N ALA B 508 30.46 -31.50 -7.51
CA ALA B 508 29.24 -30.71 -7.62
C ALA B 508 29.28 -29.69 -8.76
N PRO B 509 28.09 -29.28 -9.24
CA PRO B 509 27.97 -28.22 -10.24
C PRO B 509 28.72 -26.96 -9.82
N PRO B 510 29.64 -26.49 -10.68
CA PRO B 510 30.57 -25.43 -10.32
C PRO B 510 29.91 -24.15 -9.82
N PHE B 511 28.82 -23.72 -10.47
CA PHE B 511 28.15 -22.48 -10.04
C PHE B 511 27.78 -22.43 -8.56
N VAL B 512 27.41 -23.58 -7.99
CA VAL B 512 27.04 -23.66 -6.57
C VAL B 512 28.23 -23.31 -5.68
N GLN B 513 29.44 -23.47 -6.21
CA GLN B 513 30.68 -23.11 -5.52
C GLN B 513 30.86 -23.74 -4.13
N CYS B 514 30.77 -25.07 -4.08
CA CYS B 514 31.07 -25.82 -2.86
C CYS B 514 32.55 -26.12 -2.73
N GLY B 515 32.97 -26.41 -1.50
CA GLY B 515 34.29 -26.95 -1.25
C GLY B 515 34.35 -27.90 -0.06
N TRP B 516 35.51 -28.53 0.16
CA TRP B 516 35.59 -29.46 1.26
C TRP B 516 36.30 -28.91 2.50
N CYS B 517 35.53 -28.72 3.55
CA CYS B 517 36.04 -28.22 4.81
C CYS B 517 36.27 -29.33 5.84
N HIS B 518 37.36 -30.07 5.64
CA HIS B 518 37.80 -31.15 6.55
C HIS B 518 36.84 -32.33 6.68
N ASP B 519 35.63 -32.08 7.17
CA ASP B 519 34.61 -33.13 7.32
C ASP B 519 33.29 -32.81 6.66
N LYS B 520 33.02 -31.54 6.37
CA LYS B 520 31.75 -31.14 5.79
C LYS B 520 31.91 -30.55 4.39
N CYS B 521 30.80 -30.38 3.67
CA CYS B 521 30.83 -29.75 2.35
C CYS B 521 30.05 -28.41 2.33
N VAL B 522 30.70 -27.35 1.84
CA VAL B 522 30.15 -25.98 1.88
C VAL B 522 30.99 -24.94 1.12
N ARG B 523 30.43 -23.74 0.91
CA ARG B 523 31.16 -22.63 0.27
C ARG B 523 32.05 -21.85 1.25
N SER B 524 33.09 -21.18 0.71
CA SER B 524 34.24 -20.77 1.54
C SER B 524 33.86 -19.94 2.76
N GLU B 525 33.09 -18.87 2.55
CA GLU B 525 32.65 -18.00 3.65
C GLU B 525 32.08 -18.77 4.84
N GLU B 526 31.39 -19.86 4.54
CA GLU B 526 30.70 -20.66 5.54
C GLU B 526 31.59 -21.79 6.08
N CYS B 527 32.91 -21.68 5.86
CA CYS B 527 33.85 -22.71 6.31
C CYS B 527 34.84 -22.25 7.38
N LEU B 528 34.78 -22.93 8.53
CA LEU B 528 35.55 -22.63 9.76
C LEU B 528 37.08 -22.47 9.58
N SER B 529 37.79 -23.59 9.45
CA SER B 529 39.26 -23.63 9.43
C SER B 529 39.95 -23.08 8.17
N GLY B 530 41.27 -23.16 8.15
CA GLY B 530 42.06 -22.59 7.06
C GLY B 530 42.09 -23.43 5.79
N THR B 531 41.56 -24.63 5.85
CA THR B 531 41.50 -25.49 4.67
C THR B 531 40.17 -25.31 3.95
N TRP B 532 40.16 -25.67 2.67
CA TRP B 532 38.99 -25.59 1.80
C TRP B 532 39.53 -25.75 0.41
N THR B 533 39.04 -26.75 -0.32
CA THR B 533 39.46 -26.95 -1.69
C THR B 533 38.28 -27.15 -2.61
N GLN B 534 38.61 -27.17 -3.90
CA GLN B 534 37.75 -27.64 -4.96
C GLN B 534 38.60 -28.56 -5.81
N GLN B 535 39.60 -29.19 -5.19
CA GLN B 535 40.56 -29.95 -5.97
C GLN B 535 41.28 -31.14 -5.29
N ILE B 536 41.43 -31.07 -3.96
CA ILE B 536 42.26 -32.08 -3.28
C ILE B 536 41.54 -32.83 -2.16
N CYS B 537 41.61 -34.17 -2.22
CA CYS B 537 40.96 -34.96 -1.11
C CYS B 537 42.11 -35.70 -0.39
N LEU B 538 42.22 -35.52 0.95
CA LEU B 538 43.38 -36.12 1.65
C LEU B 538 43.02 -37.57 2.04
N PRO B 539 44.04 -38.46 2.21
CA PRO B 539 43.77 -39.87 2.54
C PRO B 539 42.94 -39.97 3.82
N ALA B 540 41.62 -40.08 3.68
CA ALA B 540 40.78 -40.32 4.86
C ALA B 540 40.48 -41.82 4.99
#